data_4CLO
#
_entry.id   4CLO
#
_cell.length_a   74.124
_cell.length_b   89.243
_cell.length_c   84.382
_cell.angle_alpha   90.00
_cell.angle_beta   115.27
_cell.angle_gamma   90.00
#
_symmetry.space_group_name_H-M   'P 1 21 1'
#
loop_
_entity.id
_entity.type
_entity.pdbx_description
1 polymer 'PTERIDINE REDUCTASE 1'
2 polymer 'PTERIDINE REDUCTASE 1'
3 non-polymer 'NADP NICOTINAMIDE-ADENINE-DINUCLEOTIDE PHOSPHATE'
4 non-polymer 5-(phenylethynyl)-4-(pyrrolidin-1-yl)-7H-pyrrolo[2,3-d]pyrimidin-2-amine
5 non-polymer GLYCEROL
6 water water
#
loop_
_entity_poly.entity_id
_entity_poly.type
_entity_poly.pdbx_seq_one_letter_code
_entity_poly.pdbx_strand_id
1 'polypeptide(L)'
;MGSSHHHHHHSSGLVPRGSHMEAPAAVVTGAAKRIGRAIAVKLHQTGYRVVIHYHNSAEAAVSLADELNKERSNTAVVCQ
ADLTNSNVLPASCEEIINSCFRAFGRCDVLVNNASAFYPTPLVQGDHEDNSNGKTVETQVAELIGTNAIAPFLLTMSFAQ
RQKGTNPNCTSSNLSIVNLCDAMVDQPCMAFSLYNMGKHALVGLTQSAALELAPYGIRVNGVAPGVSLLPVAMGEEEKDK
WRRKVPLGRREASAEQIADAVIFLVSGSAQYITGSIIKVDGGLSLVHA
;
A,D
2 'polypeptide(L)'
;MGSSHHHHHHSSGLVPRGSHMEAPAAVVTGAAKRIGRAIAVKLHQTGYRVVIHYHNSAEAAVSLADELNKERSNTAVVCQ
ADLTNSNVLPASCEEIINSCFRAFGRCDVLVNNASAFYPTPLVQGDHEDNSNGKTVETQVAELIGTNAIAPFLLTMSFAQ
RQKGTNPNCTSSNLSIVNLCDAMVDQP(CSX)MAFSLYNMGKHALVGLTQSAALELAPYGIRVNGVAPGVSLLPVAMGEE
EKDKWRRKVPLGRREASAEQIADAVIFLVSGSAQYITGSIIKVDGGLSLVHA
;
B,C
#
loop_
_chem_comp.id
_chem_comp.type
_chem_comp.name
_chem_comp.formula
GOL non-polymer GLYCEROL 'C3 H8 O3'
NAP non-polymer 'NADP NICOTINAMIDE-ADENINE-DINUCLEOTIDE PHOSPHATE' 'C21 H28 N7 O17 P3'
XP0 non-polymer 5-(phenylethynyl)-4-(pyrrolidin-1-yl)-7H-pyrrolo[2,3-d]pyrimidin-2-amine 'C18 H17 N5'
#
# COMPACT_ATOMS: atom_id res chain seq x y z
N GLU A 22 -39.00 -9.68 10.58
CA GLU A 22 -38.97 -8.19 10.38
C GLU A 22 -37.77 -7.77 9.55
N ALA A 23 -37.97 -6.78 8.66
CA ALA A 23 -36.95 -6.34 7.73
C ALA A 23 -35.86 -5.44 8.40
N PRO A 24 -34.58 -5.63 7.99
CA PRO A 24 -33.55 -4.75 8.55
C PRO A 24 -33.66 -3.33 7.96
N ALA A 25 -33.03 -2.37 8.63
CA ALA A 25 -33.00 -0.96 8.19
C ALA A 25 -31.55 -0.43 7.91
N ALA A 26 -31.45 0.41 6.89
CA ALA A 26 -30.16 1.04 6.48
C ALA A 26 -30.26 2.58 6.49
N VAL A 27 -29.18 3.25 6.92
CA VAL A 27 -28.99 4.69 6.67
C VAL A 27 -27.99 4.88 5.52
N VAL A 28 -28.39 5.64 4.52
CA VAL A 28 -27.52 6.02 3.40
C VAL A 28 -27.44 7.55 3.42
N THR A 29 -26.24 8.08 3.65
CA THR A 29 -26.01 9.54 3.59
C THR A 29 -25.85 9.97 2.14
N GLY A 30 -26.35 11.16 1.82
CA GLY A 30 -26.24 11.73 0.50
C GLY A 30 -26.93 10.91 -0.58
N ALA A 31 -28.11 10.42 -0.22
CA ALA A 31 -28.84 9.37 -0.97
C ALA A 31 -29.92 9.92 -1.92
N ALA A 32 -30.03 11.24 -2.04
CA ALA A 32 -31.09 11.84 -2.87
C ALA A 32 -30.87 11.55 -4.35
N LYS A 33 -29.62 11.40 -4.74
CA LYS A 33 -29.31 11.15 -6.12
C LYS A 33 -27.97 10.43 -6.35
N ARG A 34 -27.74 10.13 -7.62
CA ARG A 34 -26.51 9.61 -8.17
C ARG A 34 -26.14 8.31 -7.50
N ILE A 35 -24.93 8.20 -6.93
CA ILE A 35 -24.50 6.94 -6.35
C ILE A 35 -25.22 6.59 -5.09
N GLY A 36 -25.50 7.60 -4.25
CA GLY A 36 -26.17 7.36 -3.02
C GLY A 36 -27.60 6.85 -3.17
N ARG A 37 -28.32 7.37 -4.15
CA ARG A 37 -29.65 6.88 -4.46
C ARG A 37 -29.62 5.47 -5.00
N ALA A 38 -28.62 5.18 -5.86
CA ALA A 38 -28.45 3.82 -6.37
C ALA A 38 -28.24 2.80 -5.27
N ILE A 39 -27.54 3.21 -4.20
CA ILE A 39 -27.32 2.37 -3.06
C ILE A 39 -28.60 2.18 -2.23
N ALA A 40 -29.33 3.27 -2.01
CA ALA A 40 -30.58 3.24 -1.25
C ALA A 40 -31.59 2.28 -1.90
N VAL A 41 -31.66 2.38 -3.20
CA VAL A 41 -32.63 1.61 -3.98
C VAL A 41 -32.35 0.12 -3.89
N LYS A 42 -31.07 -0.19 -3.91
CA LYS A 42 -30.61 -1.54 -3.95
C LYS A 42 -30.83 -2.20 -2.62
N LEU A 43 -30.53 -1.49 -1.53
CA LEU A 43 -30.83 -2.03 -0.21
C LEU A 43 -32.34 -2.29 -0.08
N HIS A 44 -33.12 -1.33 -0.57
CA HIS A 44 -34.59 -1.38 -0.46
C HIS A 44 -35.15 -2.62 -1.17
N GLN A 45 -34.74 -2.79 -2.41
CA GLN A 45 -35.00 -3.97 -3.23
C GLN A 45 -34.53 -5.29 -2.67
N THR A 46 -33.43 -5.28 -1.93
CA THR A 46 -32.95 -6.47 -1.27
C THR A 46 -33.73 -6.67 0.01
N GLY A 47 -34.65 -5.77 0.33
CA GLY A 47 -35.52 -5.94 1.50
C GLY A 47 -35.34 -4.97 2.65
N TYR A 48 -34.35 -4.08 2.57
CA TYR A 48 -34.11 -3.10 3.65
C TYR A 48 -35.14 -1.99 3.65
N ARG A 49 -35.42 -1.51 4.86
CA ARG A 49 -36.08 -0.22 5.02
C ARG A 49 -34.94 0.81 5.03
N VAL A 50 -35.16 2.01 4.50
CA VAL A 50 -34.06 2.94 4.32
C VAL A 50 -34.34 4.36 4.87
N VAL A 51 -33.33 4.93 5.53
CA VAL A 51 -33.31 6.37 5.84
C VAL A 51 -32.52 6.98 4.70
N ILE A 52 -33.20 7.78 3.88
CA ILE A 52 -32.56 8.57 2.85
C ILE A 52 -32.06 9.94 3.42
N HIS A 53 -30.78 10.07 3.74
CA HIS A 53 -30.27 11.34 4.21
C HIS A 53 -29.98 12.27 3.01
N TYR A 54 -30.16 13.56 3.23
CA TYR A 54 -29.86 14.56 2.25
C TYR A 54 -29.48 15.88 2.95
N HIS A 55 -28.91 16.80 2.19
CA HIS A 55 -28.49 18.12 2.70
C HIS A 55 -29.34 19.19 2.02
N ASN A 56 -29.07 19.46 0.74
CA ASN A 56 -29.77 20.46 -0.08
C ASN A 56 -30.88 19.90 -1.00
N SER A 57 -30.83 18.61 -1.32
CA SER A 57 -31.69 18.07 -2.40
C SER A 57 -33.00 17.53 -1.82
N ALA A 58 -33.84 18.44 -1.34
CA ALA A 58 -34.99 18.03 -0.56
C ALA A 58 -36.03 17.37 -1.45
N GLU A 59 -36.26 18.00 -2.58
CA GLU A 59 -37.24 17.51 -3.53
C GLU A 59 -36.87 16.13 -4.03
N ALA A 60 -35.58 15.90 -4.33
CA ALA A 60 -35.18 14.54 -4.80
C ALA A 60 -35.27 13.49 -3.69
N ALA A 61 -34.86 13.83 -2.48
CA ALA A 61 -34.99 12.89 -1.38
C ALA A 61 -36.45 12.45 -1.15
N VAL A 62 -37.38 13.40 -1.11
CA VAL A 62 -38.79 13.09 -0.75
C VAL A 62 -39.42 12.26 -1.87
N SER A 63 -39.03 12.60 -3.10
CA SER A 63 -39.51 11.95 -4.28
C SER A 63 -39.07 10.49 -4.29
N LEU A 64 -37.82 10.22 -3.91
CA LEU A 64 -37.37 8.84 -3.77
C LEU A 64 -38.06 8.12 -2.60
N ALA A 65 -38.21 8.77 -1.47
CA ALA A 65 -38.89 8.11 -0.38
C ALA A 65 -40.29 7.73 -0.85
N ASP A 66 -40.82 8.49 -1.84
CA ASP A 66 -42.20 8.32 -2.37
C ASP A 66 -42.29 7.05 -3.18
N GLU A 67 -41.47 6.97 -4.23
CA GLU A 67 -41.29 5.74 -5.00
C GLU A 67 -41.17 4.50 -4.14
N LEU A 68 -40.34 4.53 -3.12
CA LEU A 68 -40.00 3.33 -2.42
C LEU A 68 -41.12 2.90 -1.47
N ASN A 69 -41.79 3.88 -0.88
CA ASN A 69 -42.98 3.62 -0.11
C ASN A 69 -44.18 3.13 -0.97
N LYS A 70 -44.24 3.58 -2.22
CA LYS A 70 -45.20 3.08 -3.21
C LYS A 70 -44.98 1.59 -3.37
N GLU A 71 -43.73 1.22 -3.63
CA GLU A 71 -43.31 -0.17 -3.68
C GLU A 71 -43.67 -0.93 -2.41
N ARG A 72 -43.35 -0.38 -1.23
CA ARG A 72 -43.69 -1.02 0.05
C ARG A 72 -43.95 0.03 1.10
N SER A 73 -45.14 0.03 1.70
CA SER A 73 -45.52 1.14 2.51
C SER A 73 -44.69 1.15 3.78
N ASN A 74 -44.32 2.36 4.21
CA ASN A 74 -43.62 2.56 5.47
C ASN A 74 -42.23 1.92 5.49
N THR A 75 -41.56 1.93 4.34
CA THR A 75 -40.18 1.39 4.22
C THR A 75 -39.09 2.44 3.91
N ALA A 76 -39.48 3.71 3.74
CA ALA A 76 -38.50 4.78 3.56
C ALA A 76 -38.89 6.05 4.31
N VAL A 77 -37.89 6.77 4.82
CA VAL A 77 -38.05 8.14 5.33
C VAL A 77 -36.85 8.96 4.87
N VAL A 78 -37.03 10.28 4.81
CA VAL A 78 -35.89 11.17 4.58
C VAL A 78 -35.43 11.77 5.90
N CYS A 79 -34.22 12.36 5.84
CA CYS A 79 -33.59 12.95 7.00
C CYS A 79 -32.56 13.97 6.55
N GLN A 80 -32.82 15.24 6.91
CA GLN A 80 -32.03 16.36 6.44
C GLN A 80 -30.97 16.64 7.47
N ALA A 81 -29.73 16.80 7.00
CA ALA A 81 -28.60 17.16 7.89
C ALA A 81 -27.41 17.72 7.08
N ASP A 82 -26.84 18.82 7.60
CA ASP A 82 -25.63 19.37 7.06
C ASP A 82 -24.53 18.58 7.75
N LEU A 83 -23.64 17.99 6.96
CA LEU A 83 -22.52 17.20 7.56
C LEU A 83 -21.16 17.92 7.50
N THR A 84 -21.19 19.22 7.28
CA THR A 84 -20.05 20.10 7.55
C THR A 84 -19.55 19.97 8.97
N ASN A 85 -18.23 20.00 9.17
CA ASN A 85 -17.74 19.98 10.55
C ASN A 85 -18.14 21.20 11.34
N SER A 86 -18.58 21.00 12.58
CA SER A 86 -18.90 22.09 13.52
C SER A 86 -19.04 21.44 14.87
N ASN A 87 -19.28 22.26 15.88
CA ASN A 87 -19.45 21.72 17.24
C ASN A 87 -20.79 21.00 17.46
N VAL A 88 -21.70 21.17 16.55
CA VAL A 88 -23.01 20.46 16.60
C VAL A 88 -23.03 19.24 15.66
N LEU A 89 -22.02 19.08 14.83
CA LEU A 89 -21.98 17.88 14.01
C LEU A 89 -22.19 16.59 14.83
N PRO A 90 -21.58 16.42 16.04
CA PRO A 90 -21.90 15.15 16.73
C PRO A 90 -23.38 14.97 17.00
N ALA A 91 -24.08 16.03 17.29
CA ALA A 91 -25.53 15.94 17.52
C ALA A 91 -26.30 15.61 16.28
N SER A 92 -25.90 16.21 15.15
CA SER A 92 -26.52 15.96 13.90
C SER A 92 -26.34 14.50 13.49
N CYS A 93 -25.15 13.95 13.73
CA CYS A 93 -24.93 12.56 13.34
C CYS A 93 -25.73 11.61 14.22
N GLU A 94 -25.73 11.89 15.53
CA GLU A 94 -26.56 11.10 16.43
C GLU A 94 -28.05 11.14 16.01
N GLU A 95 -28.49 12.25 15.42
CA GLU A 95 -29.91 12.41 15.11
C GLU A 95 -30.25 11.66 13.84
N ILE A 96 -29.29 11.58 12.91
CA ILE A 96 -29.44 10.73 11.76
C ILE A 96 -29.66 9.25 12.20
N ILE A 97 -28.81 8.73 13.07
CA ILE A 97 -28.98 7.36 13.56
C ILE A 97 -30.32 7.21 14.32
N ASN A 98 -30.59 8.17 15.20
CA ASN A 98 -31.84 8.21 15.98
C ASN A 98 -33.06 8.16 15.13
N SER A 99 -32.96 8.80 13.98
CA SER A 99 -34.03 8.85 13.00
C SER A 99 -34.33 7.49 12.34
N CYS A 100 -33.32 6.61 12.30
CA CYS A 100 -33.55 5.26 11.77
C CYS A 100 -34.28 4.44 12.80
N PHE A 101 -33.86 4.52 14.06
CA PHE A 101 -34.53 3.82 15.16
C PHE A 101 -35.96 4.30 15.37
N ARG A 102 -36.15 5.61 15.26
CA ARG A 102 -37.46 6.24 15.41
C ARG A 102 -38.40 5.73 14.36
N ALA A 103 -37.93 5.68 13.13
CA ALA A 103 -38.75 5.21 12.04
C ALA A 103 -38.89 3.67 11.95
N PHE A 104 -37.86 2.92 12.33
CA PHE A 104 -37.84 1.46 12.03
C PHE A 104 -37.53 0.56 13.20
N GLY A 105 -37.13 1.13 14.31
CA GLY A 105 -36.91 0.36 15.52
C GLY A 105 -35.57 -0.31 15.53
N ARG A 106 -34.77 -0.05 14.51
CA ARG A 106 -33.45 -0.65 14.40
C ARG A 106 -32.62 0.02 13.35
N CYS A 107 -31.33 -0.30 13.35
CA CYS A 107 -30.43 0.24 12.35
C CYS A 107 -29.29 -0.78 12.16
N ASP A 108 -29.35 -1.52 11.04
CA ASP A 108 -28.46 -2.64 10.71
C ASP A 108 -27.26 -2.24 9.87
N VAL A 109 -27.45 -1.28 8.96
CA VAL A 109 -26.46 -0.88 8.03
C VAL A 109 -26.36 0.66 7.94
N LEU A 110 -25.10 1.15 7.89
CA LEU A 110 -24.81 2.57 7.67
C LEU A 110 -23.92 2.69 6.42
N VAL A 111 -24.33 3.46 5.43
CA VAL A 111 -23.49 3.70 4.26
C VAL A 111 -23.08 5.19 4.22
N ASN A 112 -21.78 5.46 4.38
CA ASN A 112 -21.27 6.83 4.44
C ASN A 112 -20.86 7.23 3.03
N ASN A 113 -21.82 7.86 2.36
CA ASN A 113 -21.70 8.25 0.95
C ASN A 113 -21.57 9.76 0.69
N ALA A 114 -22.23 10.56 1.51
CA ALA A 114 -22.24 12.01 1.32
C ALA A 114 -20.80 12.52 1.24
N SER A 115 -20.53 13.44 0.32
CA SER A 115 -19.17 13.95 0.23
C SER A 115 -19.11 15.25 -0.51
N ALA A 116 -18.43 16.26 0.06
CA ALA A 116 -18.03 17.47 -0.69
C ALA A 116 -16.78 17.21 -1.53
N PHE A 117 -16.73 17.84 -2.71
CA PHE A 117 -15.66 17.64 -3.67
C PHE A 117 -15.48 18.91 -4.47
N TYR A 118 -14.35 19.58 -4.27
CA TYR A 118 -13.97 20.72 -5.11
C TYR A 118 -12.50 21.06 -4.82
N PRO A 119 -11.86 21.82 -5.73
CA PRO A 119 -10.46 22.16 -5.50
C PRO A 119 -10.22 23.15 -4.34
N THR A 120 -9.06 22.96 -3.68
CA THR A 120 -8.56 23.85 -2.60
C THR A 120 -7.08 24.04 -2.83
N PRO A 121 -6.72 24.87 -3.83
CA PRO A 121 -5.33 25.10 -4.16
C PRO A 121 -4.46 25.63 -3.01
N LEU A 122 -3.24 25.13 -2.95
CA LEU A 122 -2.32 25.47 -1.85
C LEU A 122 -1.72 26.88 -2.05
N VAL A 123 -1.59 27.27 -3.32
CA VAL A 123 -1.02 28.58 -3.65
C VAL A 123 -2.04 29.36 -4.45
N GLN A 124 -2.29 30.59 -4.02
CA GLN A 124 -3.10 31.54 -4.74
C GLN A 124 -2.20 32.58 -5.36
N GLY A 133 -15.81 33.12 -3.16
CA GLY A 133 -14.77 32.30 -2.53
C GLY A 133 -15.17 31.91 -1.11
N LYS A 134 -15.17 30.60 -0.86
CA LYS A 134 -15.31 30.07 0.51
C LYS A 134 -14.03 30.39 1.24
N THR A 135 -14.15 30.78 2.48
CA THR A 135 -12.96 30.89 3.33
C THR A 135 -12.26 29.53 3.47
N VAL A 136 -10.96 29.51 3.77
CA VAL A 136 -10.28 28.24 3.99
C VAL A 136 -10.90 27.48 5.17
N GLU A 137 -11.37 28.19 6.17
CA GLU A 137 -12.02 27.54 7.32
CA GLU A 137 -12.04 27.56 7.32
C GLU A 137 -13.24 26.77 6.86
N THR A 138 -14.00 27.37 5.94
CA THR A 138 -15.19 26.71 5.40
C THR A 138 -14.79 25.47 4.57
N GLN A 139 -13.74 25.62 3.77
CA GLN A 139 -13.24 24.54 2.94
C GLN A 139 -12.81 23.37 3.81
N VAL A 140 -12.05 23.64 4.89
CA VAL A 140 -11.66 22.58 5.83
C VAL A 140 -12.92 21.89 6.41
N ALA A 141 -13.81 22.69 6.99
CA ALA A 141 -15.05 22.21 7.56
C ALA A 141 -15.87 21.29 6.60
N GLU A 142 -16.09 21.71 5.36
CA GLU A 142 -16.91 20.94 4.44
C GLU A 142 -16.21 19.67 3.95
N LEU A 143 -14.95 19.80 3.50
CA LEU A 143 -14.23 18.67 2.89
C LEU A 143 -13.80 17.62 3.89
N ILE A 144 -13.26 18.05 5.03
CA ILE A 144 -12.89 17.09 6.10
C ILE A 144 -14.13 16.62 6.87
N GLY A 145 -15.09 17.50 7.11
CA GLY A 145 -16.34 17.10 7.75
C GLY A 145 -17.10 16.01 7.02
N THR A 146 -17.43 16.25 5.77
CA THR A 146 -18.28 15.31 5.04
C THR A 146 -17.59 14.01 4.73
N ASN A 147 -16.33 14.07 4.33
CA ASN A 147 -15.58 12.88 3.94
C ASN A 147 -14.98 12.06 5.10
N ALA A 148 -14.86 12.64 6.29
CA ALA A 148 -14.17 11.94 7.36
C ALA A 148 -14.79 12.08 8.76
N ILE A 149 -14.98 13.29 9.24
CA ILE A 149 -15.45 13.45 10.61
C ILE A 149 -16.91 12.98 10.78
N ALA A 150 -17.77 13.32 9.83
CA ALA A 150 -19.16 12.88 9.91
C ALA A 150 -19.24 11.33 9.86
N PRO A 151 -18.51 10.73 8.92
CA PRO A 151 -18.40 9.26 8.99
C PRO A 151 -17.97 8.71 10.34
N PHE A 152 -16.98 9.34 10.99
CA PHE A 152 -16.56 8.91 12.32
C PHE A 152 -17.70 9.07 13.35
N LEU A 153 -18.40 10.20 13.29
CA LEU A 153 -19.44 10.50 14.28
C LEU A 153 -20.66 9.61 14.07
N LEU A 154 -21.02 9.41 12.80
CA LEU A 154 -22.08 8.44 12.47
C LEU A 154 -21.71 7.01 12.88
N THR A 155 -20.44 6.66 12.73
CA THR A 155 -20.02 5.34 13.16
C THR A 155 -20.13 5.19 14.70
N MET A 156 -19.73 6.21 15.46
CA MET A 156 -19.83 6.16 16.91
C MET A 156 -21.30 5.96 17.28
N SER A 157 -22.15 6.74 16.67
CA SER A 157 -23.55 6.73 17.04
C SER A 157 -24.18 5.40 16.65
N PHE A 158 -23.86 4.92 15.46
CA PHE A 158 -24.32 3.59 15.04
C PHE A 158 -23.98 2.49 16.08
N ALA A 159 -22.71 2.42 16.46
CA ALA A 159 -22.27 1.44 17.44
C ALA A 159 -22.95 1.61 18.79
N GLN A 160 -23.02 2.84 19.27
CA GLN A 160 -23.53 3.13 20.61
C GLN A 160 -25.00 2.70 20.77
N ARG A 161 -25.78 2.90 19.73
CA ARG A 161 -27.19 2.62 19.81
C ARG A 161 -27.54 1.18 19.66
N GLN A 162 -26.58 0.29 19.38
CA GLN A 162 -26.95 -1.11 19.22
C GLN A 162 -27.39 -1.70 20.57
N SER A 171 -29.27 -12.80 16.61
CA SER A 171 -29.10 -12.90 15.17
C SER A 171 -28.99 -11.53 14.52
N SER A 172 -27.94 -11.30 13.73
CA SER A 172 -27.73 -9.99 13.08
C SER A 172 -26.62 -9.97 12.04
N ASN A 173 -26.74 -9.04 11.09
CA ASN A 173 -25.70 -8.74 10.09
C ASN A 173 -25.48 -7.22 10.01
N LEU A 174 -24.84 -6.70 11.04
CA LEU A 174 -24.59 -5.26 11.22
C LEU A 174 -23.34 -4.91 10.41
N SER A 175 -23.41 -3.89 9.58
CA SER A 175 -22.19 -3.41 8.90
C SER A 175 -22.26 -1.96 8.47
N ILE A 176 -21.06 -1.43 8.18
CA ILE A 176 -20.85 -0.07 7.71
C ILE A 176 -20.05 -0.17 6.44
N VAL A 177 -20.44 0.65 5.46
CA VAL A 177 -19.70 0.74 4.23
C VAL A 177 -19.35 2.19 3.97
N ASN A 178 -18.07 2.46 3.77
CA ASN A 178 -17.61 3.82 3.48
C ASN A 178 -17.28 4.00 2.04
N LEU A 179 -17.74 5.09 1.46
CA LEU A 179 -17.42 5.34 0.07
C LEU A 179 -16.08 6.11 0.02
N CYS A 180 -15.07 5.44 -0.53
CA CYS A 180 -13.70 5.90 -0.53
C CYS A 180 -13.40 6.40 -1.95
N ASP A 181 -12.17 6.25 -2.41
CA ASP A 181 -11.75 6.73 -3.74
C ASP A 181 -10.53 5.97 -4.21
N ALA A 182 -10.66 5.29 -5.35
CA ALA A 182 -9.60 4.40 -5.85
C ALA A 182 -8.36 5.17 -6.21
N MET A 183 -8.49 6.47 -6.49
CA MET A 183 -7.36 7.28 -6.90
C MET A 183 -6.71 8.07 -5.74
N VAL A 184 -6.97 7.71 -4.49
CA VAL A 184 -6.39 8.51 -3.39
C VAL A 184 -4.87 8.63 -3.40
N ASP A 185 -4.18 7.69 -4.03
CA ASP A 185 -2.69 7.74 -4.10
C ASP A 185 -2.13 8.36 -5.39
N GLN A 186 -3.02 8.79 -6.28
CA GLN A 186 -2.67 9.49 -7.48
C GLN A 186 -3.67 10.63 -7.59
N PRO A 187 -3.58 11.60 -6.67
CA PRO A 187 -4.69 12.52 -6.48
C PRO A 187 -4.86 13.58 -7.61
N CYS A 188 -6.06 14.13 -7.72
CA CYS A 188 -6.30 15.21 -8.64
C CYS A 188 -5.51 16.43 -8.18
N MET A 189 -4.85 17.10 -9.11
CA MET A 189 -4.12 18.33 -8.81
C MET A 189 -5.00 19.34 -8.11
N ALA A 190 -4.49 19.86 -6.99
CA ALA A 190 -5.09 20.95 -6.21
C ALA A 190 -6.34 20.54 -5.39
N PHE A 191 -6.52 19.23 -5.13
CA PHE A 191 -7.61 18.70 -4.29
C PHE A 191 -7.04 18.19 -2.92
N SER A 192 -6.13 18.92 -2.33
CA SER A 192 -5.50 18.42 -1.11
CA SER A 192 -5.49 18.50 -1.07
C SER A 192 -6.50 18.12 0.00
N LEU A 193 -7.42 19.04 0.31
CA LEU A 193 -8.33 18.78 1.43
C LEU A 193 -9.24 17.60 1.15
N TYR A 194 -9.76 17.54 -0.06
CA TYR A 194 -10.58 16.39 -0.46
C TYR A 194 -9.80 15.09 -0.28
N ASN A 195 -8.57 15.07 -0.78
CA ASN A 195 -7.74 13.86 -0.70
C ASN A 195 -7.41 13.50 0.79
N MET A 196 -7.17 14.51 1.64
CA MET A 196 -6.88 14.22 3.06
C MET A 196 -8.13 13.59 3.71
N GLY A 197 -9.29 14.08 3.31
CA GLY A 197 -10.55 13.57 3.83
C GLY A 197 -10.75 12.13 3.49
N LYS A 198 -10.47 11.75 2.24
CA LYS A 198 -10.63 10.35 1.83
C LYS A 198 -9.56 9.46 2.45
N HIS A 199 -8.34 9.95 2.59
CA HIS A 199 -7.33 9.17 3.29
C HIS A 199 -7.74 8.92 4.75
N ALA A 200 -8.26 9.98 5.40
CA ALA A 200 -8.78 9.82 6.76
C ALA A 200 -9.87 8.75 6.85
N LEU A 201 -10.74 8.71 5.84
CA LEU A 201 -11.80 7.70 5.75
C LEU A 201 -11.28 6.27 5.62
N VAL A 202 -10.17 6.09 4.90
CA VAL A 202 -9.52 4.79 4.88
C VAL A 202 -9.10 4.43 6.29
N GLY A 203 -8.49 5.40 6.99
CA GLY A 203 -8.03 5.19 8.37
C GLY A 203 -9.20 4.85 9.29
N LEU A 204 -10.31 5.55 9.11
CA LEU A 204 -11.52 5.22 9.89
C LEU A 204 -11.99 3.82 9.60
N THR A 205 -12.00 3.47 8.33
CA THR A 205 -12.47 2.13 7.94
C THR A 205 -11.70 1.02 8.67
N GLN A 206 -10.38 1.13 8.65
CA GLN A 206 -9.51 0.21 9.38
C GLN A 206 -9.66 0.24 10.91
N SER A 207 -9.61 1.43 11.48
CA SER A 207 -9.73 1.58 12.94
C SER A 207 -11.08 1.10 13.46
N ALA A 208 -12.13 1.44 12.75
CA ALA A 208 -13.48 1.01 13.14
C ALA A 208 -13.66 -0.50 12.95
N ALA A 209 -13.09 -1.08 11.90
CA ALA A 209 -13.17 -2.53 11.71
C ALA A 209 -12.57 -3.24 12.91
N LEU A 210 -11.37 -2.83 13.26
CA LEU A 210 -10.64 -3.37 14.38
C LEU A 210 -11.44 -3.23 15.68
N GLU A 211 -11.95 -2.05 15.96
CA GLU A 211 -12.59 -1.77 17.25
C GLU A 211 -14.01 -2.32 17.43
N LEU A 212 -14.78 -2.39 16.35
CA LEU A 212 -16.16 -2.77 16.36
C LEU A 212 -16.38 -4.26 16.01
N ALA A 213 -15.31 -4.97 15.69
CA ALA A 213 -15.38 -6.42 15.46
C ALA A 213 -15.94 -7.19 16.68
N PRO A 214 -15.50 -6.86 17.91
CA PRO A 214 -16.10 -7.59 19.04
C PRO A 214 -17.61 -7.32 19.24
N TYR A 215 -18.19 -6.32 18.58
CA TYR A 215 -19.63 -6.08 18.65
C TYR A 215 -20.34 -6.66 17.46
N GLY A 216 -19.63 -7.41 16.62
CA GLY A 216 -20.26 -7.99 15.44
C GLY A 216 -20.49 -7.04 14.29
N ILE A 217 -19.88 -5.84 14.34
CA ILE A 217 -20.08 -4.83 13.32
C ILE A 217 -18.86 -4.84 12.37
N ARG A 218 -19.09 -5.19 11.11
CA ARG A 218 -18.12 -5.16 10.05
C ARG A 218 -18.08 -3.75 9.42
N VAL A 219 -16.89 -3.33 8.98
CA VAL A 219 -16.68 -1.99 8.44
C VAL A 219 -15.76 -2.11 7.25
N ASN A 220 -16.27 -1.74 6.08
CA ASN A 220 -15.58 -1.92 4.82
C ASN A 220 -15.76 -0.67 3.97
N GLY A 221 -15.03 -0.64 2.88
CA GLY A 221 -15.18 0.40 1.92
C GLY A 221 -15.36 -0.03 0.49
N VAL A 222 -15.90 0.91 -0.29
CA VAL A 222 -15.97 0.78 -1.73
C VAL A 222 -15.32 2.04 -2.31
N ALA A 223 -14.39 1.83 -3.24
CA ALA A 223 -13.53 2.86 -3.81
C ALA A 223 -13.77 3.00 -5.33
N PRO A 224 -14.72 3.85 -5.71
CA PRO A 224 -14.96 4.14 -7.13
C PRO A 224 -13.73 4.78 -7.75
N GLY A 225 -13.51 4.51 -9.03
CA GLY A 225 -12.65 5.29 -9.86
C GLY A 225 -13.55 6.40 -10.41
N VAL A 226 -13.59 6.57 -11.70
CA VAL A 226 -14.48 7.57 -12.27
C VAL A 226 -15.83 6.92 -12.46
N SER A 227 -16.87 7.63 -12.05
CA SER A 227 -18.21 7.13 -12.08
C SER A 227 -19.18 8.27 -12.39
N LEU A 228 -20.21 8.01 -13.20
CA LEU A 228 -21.30 8.96 -13.39
C LEU A 228 -20.81 10.39 -13.72
N LEU A 229 -20.39 10.62 -14.95
CA LEU A 229 -19.86 11.94 -15.31
C LEU A 229 -21.00 12.93 -15.39
N PRO A 230 -20.78 14.16 -14.88
CA PRO A 230 -21.91 15.10 -14.99
C PRO A 230 -22.33 15.33 -16.47
N VAL A 231 -23.64 15.40 -16.70
CA VAL A 231 -24.19 15.77 -18.02
C VAL A 231 -23.55 17.07 -18.54
N ALA A 232 -23.45 18.06 -17.65
CA ALA A 232 -22.90 19.40 -17.98
C ALA A 232 -21.55 19.32 -18.63
N MET A 233 -20.64 18.58 -17.98
CA MET A 233 -19.26 18.48 -18.40
C MET A 233 -19.13 18.27 -19.92
N GLY A 234 -18.22 19.02 -20.53
CA GLY A 234 -17.98 18.99 -21.98
C GLY A 234 -17.79 17.58 -22.56
N GLU A 235 -18.48 17.28 -23.64
CA GLU A 235 -18.48 15.93 -24.18
C GLU A 235 -17.09 15.46 -24.56
N GLU A 236 -16.24 16.39 -24.96
CA GLU A 236 -14.88 16.05 -25.32
C GLU A 236 -14.03 15.80 -24.07
N GLU A 237 -14.37 16.48 -22.96
CA GLU A 237 -13.70 16.25 -21.68
C GLU A 237 -14.07 14.87 -21.11
N LYS A 238 -15.34 14.49 -21.22
CA LYS A 238 -15.82 13.16 -20.82
C LYS A 238 -15.12 12.06 -21.60
N ASP A 239 -15.01 12.23 -22.90
CA ASP A 239 -14.32 11.25 -23.76
C ASP A 239 -12.83 11.13 -23.41
N LYS A 240 -12.21 12.25 -23.07
CA LYS A 240 -10.81 12.30 -22.66
C LYS A 240 -10.55 11.36 -21.46
N TRP A 241 -11.43 11.43 -20.46
CA TRP A 241 -11.41 10.60 -19.25
C TRP A 241 -11.85 9.16 -19.50
N ARG A 242 -13.00 8.99 -20.15
CA ARG A 242 -13.48 7.68 -20.55
C ARG A 242 -12.40 6.86 -21.21
N ARG A 243 -11.67 7.48 -22.14
CA ARG A 243 -10.60 6.80 -22.88
C ARG A 243 -9.43 6.29 -22.02
N LYS A 244 -9.35 6.75 -20.79
CA LYS A 244 -8.26 6.33 -19.89
C LYS A 244 -8.57 5.01 -19.17
N VAL A 245 -9.84 4.65 -19.07
CA VAL A 245 -10.27 3.46 -18.34
C VAL A 245 -10.02 2.17 -19.14
N PRO A 246 -9.13 1.30 -18.67
CA PRO A 246 -8.85 0.03 -19.37
C PRO A 246 -10.08 -0.85 -19.67
N LEU A 247 -10.96 -1.02 -18.70
CA LEU A 247 -12.07 -1.93 -18.87
C LEU A 247 -13.25 -1.19 -19.51
N GLY A 248 -13.31 -1.21 -20.83
CA GLY A 248 -14.46 -0.67 -21.56
C GLY A 248 -14.46 0.81 -21.86
N ARG A 249 -13.38 1.52 -21.50
CA ARG A 249 -13.27 2.95 -21.78
C ARG A 249 -14.54 3.70 -21.43
N ARG A 250 -15.02 3.46 -20.22
CA ARG A 250 -16.25 4.04 -19.75
C ARG A 250 -16.13 4.20 -18.26
N GLU A 251 -16.81 5.18 -17.71
CA GLU A 251 -16.97 5.35 -16.28
C GLU A 251 -17.90 4.31 -15.66
N ALA A 252 -17.83 4.09 -14.36
CA ALA A 252 -18.74 3.17 -13.71
C ALA A 252 -20.14 3.78 -13.69
N SER A 253 -21.13 2.93 -13.85
CA SER A 253 -22.51 3.27 -13.59
C SER A 253 -22.69 3.34 -12.08
N ALA A 254 -23.77 3.99 -11.64
CA ALA A 254 -24.08 4.07 -10.23
C ALA A 254 -24.47 2.71 -9.74
N GLU A 255 -25.15 1.94 -10.60
CA GLU A 255 -25.51 0.56 -10.30
C GLU A 255 -24.27 -0.32 -9.93
N GLN A 256 -23.21 -0.19 -10.72
CA GLN A 256 -21.96 -0.92 -10.47
C GLN A 256 -21.32 -0.64 -9.11
N ILE A 257 -21.31 0.62 -8.68
CA ILE A 257 -20.89 0.96 -7.33
C ILE A 257 -21.80 0.33 -6.33
N ALA A 258 -23.13 0.42 -6.54
CA ALA A 258 -24.07 -0.08 -5.53
C ALA A 258 -23.96 -1.57 -5.34
N ASP A 259 -23.61 -2.24 -6.44
CA ASP A 259 -23.46 -3.72 -6.46
C ASP A 259 -22.38 -4.12 -5.48
N ALA A 260 -21.29 -3.37 -5.44
CA ALA A 260 -20.21 -3.69 -4.50
C ALA A 260 -20.61 -3.43 -3.04
N VAL A 261 -21.35 -2.34 -2.79
CA VAL A 261 -21.92 -2.06 -1.46
C VAL A 261 -22.81 -3.21 -0.95
N ILE A 262 -23.67 -3.69 -1.84
CA ILE A 262 -24.67 -4.74 -1.57
C ILE A 262 -23.94 -6.04 -1.24
N PHE A 263 -22.88 -6.34 -1.97
CA PHE A 263 -22.07 -7.49 -1.62
C PHE A 263 -21.56 -7.41 -0.20
N LEU A 264 -20.96 -6.27 0.16
CA LEU A 264 -20.34 -6.10 1.48
C LEU A 264 -21.32 -6.12 2.63
N VAL A 265 -22.55 -5.69 2.38
CA VAL A 265 -23.59 -5.78 3.42
C VAL A 265 -24.16 -7.22 3.53
N SER A 266 -24.08 -8.02 2.46
CA SER A 266 -24.66 -9.37 2.41
C SER A 266 -23.98 -10.41 3.27
N GLY A 267 -24.71 -11.50 3.50
CA GLY A 267 -24.16 -12.67 4.17
C GLY A 267 -23.04 -13.31 3.36
N SER A 268 -22.89 -12.96 2.09
CA SER A 268 -21.74 -13.43 1.30
C SER A 268 -20.39 -12.80 1.73
N ALA A 269 -20.43 -11.84 2.66
CA ALA A 269 -19.29 -11.10 3.14
C ALA A 269 -19.15 -11.12 4.67
N GLN A 270 -19.67 -12.16 5.30
CA GLN A 270 -19.71 -12.30 6.76
CA GLN A 270 -19.73 -12.30 6.75
C GLN A 270 -18.37 -12.30 7.46
N TYR A 271 -17.29 -12.68 6.76
CA TYR A 271 -15.94 -12.65 7.31
C TYR A 271 -15.12 -11.43 6.84
N ILE A 272 -15.71 -10.55 6.03
CA ILE A 272 -14.97 -9.45 5.44
C ILE A 272 -15.15 -8.23 6.31
N THR A 273 -14.04 -7.70 6.80
CA THR A 273 -14.02 -6.46 7.57
C THR A 273 -12.63 -5.78 7.41
N GLY A 274 -12.67 -4.45 7.37
CA GLY A 274 -11.54 -3.65 7.00
C GLY A 274 -11.04 -3.76 5.58
N SER A 275 -11.87 -4.20 4.64
CA SER A 275 -11.50 -4.29 3.26
C SER A 275 -12.09 -3.16 2.48
N ILE A 276 -11.32 -2.69 1.50
CA ILE A 276 -11.79 -1.67 0.57
C ILE A 276 -11.71 -2.23 -0.82
N ILE A 277 -12.86 -2.31 -1.50
CA ILE A 277 -12.96 -2.91 -2.81
C ILE A 277 -12.94 -1.81 -3.85
N LYS A 278 -11.90 -1.74 -4.68
CA LYS A 278 -11.88 -0.82 -5.82
C LYS A 278 -12.86 -1.27 -6.87
N VAL A 279 -13.60 -0.31 -7.38
CA VAL A 279 -14.54 -0.49 -8.48
C VAL A 279 -14.20 0.60 -9.50
N ASP A 280 -13.11 0.37 -10.22
CA ASP A 280 -12.48 1.40 -11.06
C ASP A 280 -12.15 1.04 -12.49
N GLY A 281 -12.51 -0.14 -12.96
CA GLY A 281 -12.21 -0.53 -14.37
C GLY A 281 -10.74 -0.59 -14.66
N GLY A 282 -9.91 -0.72 -13.62
CA GLY A 282 -8.45 -0.68 -13.75
C GLY A 282 -7.75 0.68 -13.86
N LEU A 283 -8.51 1.76 -13.69
CA LEU A 283 -7.97 3.14 -13.87
C LEU A 283 -6.75 3.44 -12.98
N SER A 284 -6.84 3.05 -11.71
CA SER A 284 -5.73 3.25 -10.77
C SER A 284 -4.42 2.55 -11.16
N LEU A 285 -4.47 1.62 -12.11
CA LEU A 285 -3.29 0.88 -12.51
C LEU A 285 -2.58 1.56 -13.68
N VAL A 286 -3.20 2.58 -14.28
CA VAL A 286 -2.66 3.21 -15.49
C VAL A 286 -1.65 4.29 -15.09
N HIS A 287 -0.40 4.12 -15.48
CA HIS A 287 0.61 5.17 -15.25
C HIS A 287 0.36 6.43 -16.10
N ALA A 288 1.00 7.52 -15.70
CA ALA A 288 0.91 8.76 -16.45
C ALA A 288 1.52 8.65 -17.84
N GLU B 22 -26.24 -21.90 -22.96
CA GLU B 22 -25.25 -22.97 -22.65
C GLU B 22 -24.34 -22.51 -21.49
N ALA B 23 -23.91 -23.44 -20.66
CA ALA B 23 -23.32 -23.10 -19.37
C ALA B 23 -21.85 -22.64 -19.50
N PRO B 24 -21.42 -21.67 -18.69
CA PRO B 24 -20.02 -21.28 -18.74
C PRO B 24 -19.15 -22.35 -18.12
N ALA B 25 -17.83 -22.23 -18.30
CA ALA B 25 -16.91 -23.22 -17.76
C ALA B 25 -15.75 -22.54 -17.00
N ALA B 26 -15.28 -23.19 -15.92
CA ALA B 26 -14.21 -22.67 -15.02
C ALA B 26 -13.13 -23.72 -14.78
N VAL B 27 -11.88 -23.27 -14.72
CA VAL B 27 -10.78 -24.09 -14.26
C VAL B 27 -10.45 -23.62 -12.83
N VAL B 28 -10.35 -24.58 -11.92
CA VAL B 28 -9.92 -24.31 -10.56
C VAL B 28 -8.68 -25.17 -10.28
N THR B 29 -7.56 -24.52 -10.00
CA THR B 29 -6.35 -25.27 -9.67
C THR B 29 -6.35 -25.66 -8.20
N GLY B 30 -5.74 -26.82 -7.89
CA GLY B 30 -5.71 -27.34 -6.55
C GLY B 30 -7.10 -27.47 -5.96
N ALA B 31 -8.03 -28.01 -6.72
CA ALA B 31 -9.43 -28.02 -6.37
C ALA B 31 -9.91 -29.31 -5.68
N ALA B 32 -8.99 -30.21 -5.36
CA ALA B 32 -9.38 -31.53 -4.78
C ALA B 32 -9.85 -31.45 -3.34
N LYS B 33 -9.34 -30.48 -2.59
CA LYS B 33 -9.53 -30.41 -1.15
C LYS B 33 -9.68 -28.97 -0.70
N ARG B 34 -10.13 -28.80 0.53
CA ARG B 34 -10.06 -27.53 1.25
C ARG B 34 -10.66 -26.36 0.44
N ILE B 35 -9.93 -25.23 0.38
CA ILE B 35 -10.48 -24.03 -0.23
C ILE B 35 -10.75 -24.19 -1.73
N GLY B 36 -9.84 -24.83 -2.47
CA GLY B 36 -10.08 -25.05 -3.90
C GLY B 36 -11.34 -25.85 -4.17
N ARG B 37 -11.58 -26.84 -3.32
CA ARG B 37 -12.75 -27.67 -3.46
C ARG B 37 -14.04 -26.87 -3.23
N ALA B 38 -14.04 -26.04 -2.18
CA ALA B 38 -15.17 -25.17 -1.88
C ALA B 38 -15.46 -24.24 -3.04
N ILE B 39 -14.41 -23.68 -3.64
CA ILE B 39 -14.54 -22.84 -4.82
C ILE B 39 -15.14 -23.61 -6.01
N ALA B 40 -14.59 -24.80 -6.32
CA ALA B 40 -15.13 -25.59 -7.43
C ALA B 40 -16.61 -25.91 -7.19
N VAL B 41 -16.94 -26.31 -5.95
CA VAL B 41 -18.32 -26.68 -5.60
C VAL B 41 -19.27 -25.51 -5.78
N LYS B 42 -18.93 -24.33 -5.25
CA LYS B 42 -19.83 -23.20 -5.42
C LYS B 42 -19.94 -22.81 -6.85
N LEU B 43 -18.87 -22.83 -7.61
CA LEU B 43 -18.97 -22.43 -9.02
C LEU B 43 -19.95 -23.36 -9.75
N HIS B 44 -19.78 -24.65 -9.49
CA HIS B 44 -20.66 -25.65 -10.06
C HIS B 44 -22.13 -25.44 -9.65
N GLN B 45 -22.38 -25.14 -8.36
CA GLN B 45 -23.72 -24.82 -7.84
C GLN B 45 -24.33 -23.60 -8.48
N THR B 46 -23.50 -22.69 -8.97
CA THR B 46 -23.96 -21.45 -9.59
C THR B 46 -24.24 -21.71 -11.05
N GLY B 47 -23.86 -22.88 -11.58
CA GLY B 47 -24.17 -23.27 -12.98
C GLY B 47 -22.97 -23.53 -13.90
N TYR B 48 -21.76 -23.36 -13.37
CA TYR B 48 -20.54 -23.60 -14.15
C TYR B 48 -20.23 -25.08 -14.24
N ARG B 49 -19.65 -25.44 -15.39
CA ARG B 49 -18.92 -26.71 -15.52
C ARG B 49 -17.50 -26.48 -15.09
N VAL B 50 -16.87 -27.49 -14.50
CA VAL B 50 -15.57 -27.27 -13.81
C VAL B 50 -14.51 -28.27 -14.24
N VAL B 51 -13.29 -27.76 -14.38
CA VAL B 51 -12.07 -28.58 -14.45
C VAL B 51 -11.46 -28.56 -13.08
N ILE B 52 -11.43 -29.72 -12.44
CA ILE B 52 -10.83 -29.92 -11.15
C ILE B 52 -9.37 -30.27 -11.38
N HIS B 53 -8.47 -29.29 -11.32
CA HIS B 53 -7.06 -29.62 -11.35
C HIS B 53 -6.58 -30.10 -9.98
N TYR B 54 -5.63 -31.04 -9.99
CA TYR B 54 -5.03 -31.57 -8.77
C TYR B 54 -3.55 -31.99 -9.04
N HIS B 55 -2.78 -32.23 -7.99
CA HIS B 55 -1.42 -32.72 -8.14
C HIS B 55 -1.31 -34.13 -7.51
N ASN B 56 -1.32 -34.23 -6.19
CA ASN B 56 -1.24 -35.53 -5.52
C ASN B 56 -2.58 -36.10 -5.05
N SER B 57 -3.63 -35.28 -4.91
CA SER B 57 -4.85 -35.72 -4.23
C SER B 57 -5.79 -36.33 -5.24
N ALA B 58 -5.39 -37.50 -5.74
CA ALA B 58 -6.03 -38.09 -6.90
C ALA B 58 -7.44 -38.63 -6.55
N GLU B 59 -7.51 -39.36 -5.46
CA GLU B 59 -8.81 -39.88 -4.99
C GLU B 59 -9.79 -38.78 -4.68
N ALA B 60 -9.32 -37.74 -3.99
CA ALA B 60 -10.20 -36.64 -3.63
C ALA B 60 -10.70 -35.97 -4.89
N ALA B 61 -9.83 -35.77 -5.88
CA ALA B 61 -10.25 -35.09 -7.12
C ALA B 61 -11.27 -35.88 -7.92
N VAL B 62 -10.99 -37.18 -8.08
CA VAL B 62 -11.88 -38.07 -8.81
C VAL B 62 -13.22 -38.22 -8.09
N SER B 63 -13.22 -38.33 -6.77
CA SER B 63 -14.52 -38.47 -6.08
C SER B 63 -15.31 -37.16 -6.14
N LEU B 64 -14.60 -36.01 -6.15
CA LEU B 64 -15.29 -34.73 -6.30
C LEU B 64 -15.94 -34.66 -7.68
N ALA B 65 -15.22 -35.02 -8.75
CA ALA B 65 -15.79 -34.90 -10.07
C ALA B 65 -17.00 -35.82 -10.18
N ASP B 66 -16.89 -36.99 -9.53
CA ASP B 66 -17.99 -37.98 -9.50
C ASP B 66 -19.28 -37.38 -8.84
N GLU B 67 -19.12 -36.72 -7.69
CA GLU B 67 -20.19 -36.06 -6.93
C GLU B 67 -20.87 -34.98 -7.81
N LEU B 68 -20.06 -34.20 -8.51
CA LEU B 68 -20.57 -33.14 -9.32
C LEU B 68 -21.32 -33.64 -10.55
N ASN B 69 -20.75 -34.64 -11.23
CA ASN B 69 -21.39 -35.26 -12.40
C ASN B 69 -22.66 -36.03 -12.02
N LYS B 70 -22.70 -36.61 -10.82
CA LYS B 70 -23.93 -37.17 -10.29
C LYS B 70 -25.03 -36.13 -10.23
N GLU B 71 -24.71 -34.88 -9.87
CA GLU B 71 -25.68 -33.76 -9.93
C GLU B 71 -26.08 -33.39 -11.34
N ARG B 72 -25.09 -33.14 -12.20
CA ARG B 72 -25.37 -32.76 -13.57
C ARG B 72 -24.40 -33.46 -14.47
N SER B 73 -24.91 -34.15 -15.48
CA SER B 73 -24.08 -35.04 -16.27
C SER B 73 -22.99 -34.30 -17.02
N ASN B 74 -21.78 -34.85 -16.97
CA ASN B 74 -20.60 -34.36 -17.68
C ASN B 74 -20.41 -32.83 -17.51
N THR B 75 -20.55 -32.40 -16.26
CA THR B 75 -20.25 -31.02 -15.90
C THR B 75 -18.94 -30.89 -15.14
N ALA B 76 -18.20 -32.00 -14.97
CA ALA B 76 -16.91 -31.97 -14.26
C ALA B 76 -15.93 -32.90 -14.89
N VAL B 77 -14.68 -32.44 -14.99
CA VAL B 77 -13.55 -33.29 -15.39
C VAL B 77 -12.37 -32.99 -14.47
N VAL B 78 -11.47 -33.99 -14.32
CA VAL B 78 -10.24 -33.79 -13.55
C VAL B 78 -9.05 -33.62 -14.49
N CYS B 79 -8.04 -32.91 -14.01
CA CYS B 79 -6.78 -32.70 -14.77
C CYS B 79 -5.59 -32.62 -13.80
N GLN B 80 -4.71 -33.61 -13.86
CA GLN B 80 -3.54 -33.70 -12.99
C GLN B 80 -2.37 -32.91 -13.64
N ALA B 81 -1.67 -32.13 -12.81
CA ALA B 81 -0.44 -31.46 -13.27
C ALA B 81 0.34 -30.94 -12.07
N ASP B 82 1.66 -31.17 -12.10
CA ASP B 82 2.58 -30.58 -11.17
C ASP B 82 2.74 -29.15 -11.67
N LEU B 83 2.66 -28.18 -10.79
CA LEU B 83 2.81 -26.79 -11.25
C LEU B 83 4.12 -26.15 -10.75
N THR B 84 5.03 -27.00 -10.27
CA THR B 84 6.42 -26.59 -10.05
C THR B 84 7.08 -26.03 -11.31
N ASN B 85 7.93 -25.01 -11.13
CA ASN B 85 8.54 -24.36 -12.27
C ASN B 85 9.50 -25.35 -12.91
N SER B 86 9.44 -25.47 -14.23
CA SER B 86 10.36 -26.32 -14.93
C SER B 86 10.31 -25.94 -16.40
N ASN B 87 11.11 -26.63 -17.19
CA ASN B 87 11.02 -26.55 -18.64
C ASN B 87 9.65 -26.97 -19.22
N VAL B 88 8.94 -27.85 -18.53
CA VAL B 88 7.68 -28.39 -19.09
C VAL B 88 6.46 -27.68 -18.55
N LEU B 89 6.63 -26.66 -17.69
CA LEU B 89 5.48 -26.02 -17.06
C LEU B 89 4.59 -25.27 -18.08
N PRO B 90 5.18 -24.57 -19.03
CA PRO B 90 4.35 -23.90 -20.03
C PRO B 90 3.39 -24.86 -20.78
N ALA B 91 3.92 -25.99 -21.24
CA ALA B 91 3.07 -26.96 -21.90
C ALA B 91 2.01 -27.54 -20.94
N SER B 92 2.37 -27.79 -19.66
CA SER B 92 1.39 -28.28 -18.68
C SER B 92 0.26 -27.32 -18.50
N CYS B 93 0.59 -26.04 -18.48
CA CYS B 93 -0.43 -25.03 -18.22
C CYS B 93 -1.36 -24.90 -19.43
N GLU B 94 -0.77 -24.99 -20.61
CA GLU B 94 -1.51 -24.98 -21.86
CA GLU B 94 -1.53 -24.96 -21.84
C GLU B 94 -2.47 -26.17 -21.91
N GLU B 95 -2.05 -27.30 -21.34
CA GLU B 95 -2.87 -28.52 -21.38
C GLU B 95 -4.03 -28.48 -20.35
N ILE B 96 -3.83 -27.74 -19.26
CA ILE B 96 -4.92 -27.51 -18.33
C ILE B 96 -6.04 -26.70 -18.99
N ILE B 97 -5.68 -25.59 -19.63
CA ILE B 97 -6.65 -24.77 -20.35
C ILE B 97 -7.28 -25.62 -21.49
N ASN B 98 -6.45 -26.32 -22.22
CA ASN B 98 -6.93 -27.19 -23.31
C ASN B 98 -7.96 -28.22 -22.85
N SER B 99 -7.75 -28.79 -21.66
CA SER B 99 -8.65 -29.75 -21.13
CA SER B 99 -8.67 -29.75 -21.11
C SER B 99 -10.05 -29.14 -20.87
N CYS B 100 -10.09 -27.84 -20.54
CA CYS B 100 -11.36 -27.17 -20.35
C CYS B 100 -12.09 -27.02 -21.68
N PHE B 101 -11.35 -26.63 -22.69
CA PHE B 101 -11.93 -26.53 -24.06
C PHE B 101 -12.36 -27.89 -24.63
N ARG B 102 -11.55 -28.91 -24.34
CA ARG B 102 -11.88 -30.29 -24.74
C ARG B 102 -13.19 -30.75 -24.12
N ALA B 103 -13.37 -30.53 -22.82
CA ALA B 103 -14.55 -30.99 -22.12
C ALA B 103 -15.74 -30.18 -22.41
N PHE B 104 -15.59 -28.87 -22.46
CA PHE B 104 -16.74 -28.01 -22.40
C PHE B 104 -16.83 -27.01 -23.53
N GLY B 105 -15.82 -26.89 -24.37
CA GLY B 105 -15.93 -26.07 -25.55
C GLY B 105 -15.62 -24.60 -25.32
N ARG B 106 -15.28 -24.25 -24.08
CA ARG B 106 -15.09 -22.85 -23.71
C ARG B 106 -14.39 -22.82 -22.36
N CYS B 107 -13.84 -21.64 -22.02
CA CYS B 107 -13.22 -21.46 -20.68
C CYS B 107 -13.42 -20.00 -20.32
N ASP B 108 -14.34 -19.77 -19.38
CA ASP B 108 -14.80 -18.44 -19.00
C ASP B 108 -14.10 -17.89 -17.76
N VAL B 109 -13.81 -18.78 -16.80
CA VAL B 109 -13.19 -18.41 -15.53
C VAL B 109 -11.93 -19.29 -15.27
N LEU B 110 -10.87 -18.67 -14.73
CA LEU B 110 -9.68 -19.36 -14.19
C LEU B 110 -9.48 -18.91 -12.75
N VAL B 111 -9.38 -19.86 -11.83
CA VAL B 111 -9.12 -19.58 -10.42
C VAL B 111 -7.77 -20.17 -10.12
N ASN B 112 -6.79 -19.31 -9.84
CA ASN B 112 -5.46 -19.77 -9.47
C ASN B 112 -5.36 -19.96 -7.98
N ASN B 113 -5.55 -21.19 -7.54
CA ASN B 113 -5.65 -21.53 -6.11
C ASN B 113 -4.51 -22.41 -5.61
N ALA B 114 -4.08 -23.39 -6.40
CA ALA B 114 -2.96 -24.26 -6.04
C ALA B 114 -1.76 -23.47 -5.53
N SER B 115 -1.12 -24.00 -4.50
CA SER B 115 -0.08 -23.28 -3.80
C SER B 115 0.68 -24.17 -2.84
N ALA B 116 2.00 -24.13 -3.00
CA ALA B 116 2.92 -24.74 -2.05
C ALA B 116 3.20 -23.75 -0.96
N PHE B 117 3.36 -24.29 0.28
CA PHE B 117 3.46 -23.48 1.44
C PHE B 117 4.27 -24.23 2.49
N TYR B 118 5.50 -23.76 2.73
CA TYR B 118 6.42 -24.27 3.76
C TYR B 118 7.59 -23.30 3.96
N PRO B 119 8.23 -23.36 5.12
CA PRO B 119 9.28 -22.38 5.38
C PRO B 119 10.58 -22.65 4.64
N THR B 120 11.32 -21.58 4.36
CA THR B 120 12.62 -21.64 3.63
C THR B 120 13.54 -20.64 4.31
N PRO B 121 14.08 -21.02 5.46
CA PRO B 121 14.85 -20.12 6.29
C PRO B 121 16.06 -19.57 5.54
N LEU B 122 16.36 -18.29 5.73
CA LEU B 122 17.54 -17.69 5.08
C LEU B 122 18.88 -18.12 5.69
N VAL B 123 18.84 -18.49 6.97
CA VAL B 123 19.99 -18.83 7.78
C VAL B 123 19.80 -20.21 8.41
N GLN B 124 20.83 -21.03 8.27
CA GLN B 124 20.95 -22.33 8.97
C GLN B 124 21.90 -22.20 10.14
N GLY B 133 14.46 -33.04 2.89
CA GLY B 133 15.73 -32.41 2.54
C GLY B 133 15.76 -31.92 1.09
N LYS B 134 14.76 -31.13 0.73
CA LYS B 134 14.74 -30.44 -0.57
C LYS B 134 15.87 -29.44 -0.72
N THR B 135 16.48 -29.38 -1.90
CA THR B 135 17.45 -28.33 -2.18
C THR B 135 16.76 -26.99 -2.34
N VAL B 136 17.55 -25.94 -2.20
CA VAL B 136 16.93 -24.63 -2.31
C VAL B 136 16.39 -24.40 -3.74
N GLU B 137 17.07 -24.93 -4.76
CA GLU B 137 16.58 -24.68 -6.12
C GLU B 137 15.20 -25.35 -6.29
N THR B 138 14.94 -26.44 -5.58
CA THR B 138 13.63 -27.13 -5.61
C THR B 138 12.58 -26.33 -4.88
N GLN B 139 12.95 -25.75 -3.76
CA GLN B 139 12.03 -24.87 -3.02
C GLN B 139 11.65 -23.64 -3.87
N VAL B 140 12.62 -23.07 -4.56
CA VAL B 140 12.37 -21.99 -5.49
C VAL B 140 11.37 -22.42 -6.54
N ALA B 141 11.64 -23.54 -7.20
CA ALA B 141 10.76 -24.01 -8.25
C ALA B 141 9.33 -24.28 -7.75
N GLU B 142 9.15 -24.93 -6.59
CA GLU B 142 7.79 -25.24 -6.11
C GLU B 142 7.07 -23.99 -5.61
N LEU B 143 7.75 -23.20 -4.78
CA LEU B 143 7.11 -22.04 -4.21
C LEU B 143 6.85 -20.93 -5.21
N ILE B 144 7.83 -20.59 -6.02
CA ILE B 144 7.61 -19.54 -7.05
C ILE B 144 6.80 -20.11 -8.21
N GLY B 145 7.05 -21.37 -8.59
CA GLY B 145 6.23 -22.02 -9.63
C GLY B 145 4.73 -22.02 -9.33
N THR B 146 4.33 -22.60 -8.18
CA THR B 146 2.91 -22.74 -7.84
C THR B 146 2.27 -21.39 -7.59
N ASN B 147 2.94 -20.49 -6.85
CA ASN B 147 2.28 -19.27 -6.41
C ASN B 147 2.28 -18.15 -7.48
N ALA B 148 3.16 -18.22 -8.45
CA ALA B 148 3.39 -17.08 -9.37
C ALA B 148 3.56 -17.48 -10.81
N ILE B 149 4.50 -18.37 -11.09
CA ILE B 149 4.80 -18.72 -12.47
C ILE B 149 3.68 -19.47 -13.19
N ALA B 150 3.14 -20.50 -12.57
CA ALA B 150 2.02 -21.23 -13.17
C ALA B 150 0.81 -20.31 -13.34
N PRO B 151 0.48 -19.47 -12.34
CA PRO B 151 -0.57 -18.52 -12.66
C PRO B 151 -0.34 -17.69 -13.91
N PHE B 152 0.89 -17.24 -14.14
CA PHE B 152 1.25 -16.41 -15.29
C PHE B 152 1.00 -17.21 -16.57
N LEU B 153 1.52 -18.43 -16.61
CA LEU B 153 1.40 -19.32 -17.76
C LEU B 153 -0.05 -19.73 -18.07
N LEU B 154 -0.80 -20.02 -17.03
CA LEU B 154 -2.28 -20.28 -17.13
C LEU B 154 -3.01 -19.04 -17.63
N THR B 155 -2.61 -17.86 -17.12
CA THR B 155 -3.18 -16.63 -17.61
C THR B 155 -2.88 -16.41 -19.11
N MET B 156 -1.64 -16.65 -19.55
CA MET B 156 -1.27 -16.56 -20.97
C MET B 156 -2.14 -17.50 -21.80
N SER B 157 -2.26 -18.74 -21.35
CA SER B 157 -2.96 -19.75 -22.14
C SER B 157 -4.44 -19.44 -22.18
N PHE B 158 -4.98 -19.01 -21.04
CA PHE B 158 -6.37 -18.61 -20.94
C PHE B 158 -6.65 -17.51 -21.94
N ALA B 159 -5.82 -16.47 -21.96
CA ALA B 159 -6.11 -15.30 -22.80
C ALA B 159 -5.92 -15.66 -24.27
N GLN B 160 -4.90 -16.45 -24.56
CA GLN B 160 -4.61 -16.80 -25.94
C GLN B 160 -5.80 -17.54 -26.56
N ARG B 161 -6.51 -18.34 -25.76
CA ARG B 161 -7.64 -19.12 -26.28
C ARG B 161 -8.92 -18.35 -26.46
N GLN B 162 -9.00 -17.11 -26.02
CA GLN B 162 -10.25 -16.38 -26.17
C GLN B 162 -10.20 -15.76 -27.54
N THR B 170 -23.61 -9.80 -26.07
CA THR B 170 -22.86 -9.29 -24.90
C THR B 170 -23.15 -10.02 -23.57
N SER B 171 -23.22 -11.34 -23.61
CA SER B 171 -23.39 -12.11 -22.38
C SER B 171 -22.05 -12.74 -21.95
N SER B 172 -20.94 -12.24 -22.48
CA SER B 172 -19.65 -12.79 -22.11
C SER B 172 -19.20 -12.18 -20.76
N ASN B 173 -18.63 -13.00 -19.89
CA ASN B 173 -18.10 -12.53 -18.61
C ASN B 173 -16.88 -13.35 -18.22
N LEU B 174 -15.75 -12.99 -18.80
CA LEU B 174 -14.50 -13.75 -18.66
C LEU B 174 -13.73 -13.15 -17.50
N SER B 175 -13.12 -13.97 -16.68
CA SER B 175 -12.31 -13.38 -15.60
C SER B 175 -11.45 -14.42 -14.94
N ILE B 176 -10.44 -13.90 -14.26
CA ILE B 176 -9.46 -14.66 -13.53
C ILE B 176 -9.51 -14.18 -12.06
N VAL B 177 -9.45 -15.13 -11.14
CA VAL B 177 -9.32 -14.81 -9.72
C VAL B 177 -8.07 -15.53 -9.17
N ASN B 178 -7.14 -14.76 -8.58
CA ASN B 178 -5.93 -15.29 -8.02
C ASN B 178 -6.06 -15.33 -6.51
N LEU B 179 -5.74 -16.46 -5.90
CA LEU B 179 -5.76 -16.56 -4.47
C LEU B 179 -4.44 -16.00 -3.90
N CYS B 180 -4.56 -14.82 -3.26
CA CYS B 180 -3.46 -14.08 -2.67
C CYS B 180 -3.37 -14.40 -1.17
N ASP B 181 -2.91 -13.47 -0.35
CA ASP B 181 -2.68 -13.69 1.07
C ASP B 181 -2.74 -12.33 1.75
N ALA B 182 -3.69 -12.17 2.67
CA ALA B 182 -3.89 -10.91 3.34
C ALA B 182 -2.71 -10.48 4.19
N MET B 183 -1.88 -11.45 4.59
CA MET B 183 -0.75 -11.15 5.49
C MET B 183 0.57 -10.88 4.76
N VAL B 184 0.52 -10.63 3.46
CA VAL B 184 1.75 -10.46 2.68
C VAL B 184 2.69 -9.40 3.19
N ASP B 185 2.16 -8.34 3.75
CA ASP B 185 3.03 -7.28 4.29
C ASP B 185 3.41 -7.46 5.74
N GLN B 186 2.94 -8.55 6.37
CA GLN B 186 3.37 -8.93 7.72
C GLN B 186 3.61 -10.44 7.71
N PRO B 187 4.65 -10.87 7.01
CA PRO B 187 4.83 -12.27 6.65
C PRO B 187 5.22 -13.17 7.80
N CSX B 188 4.99 -14.47 7.65
CA CSX B 188 5.42 -15.43 8.66
CB CSX B 188 4.84 -16.83 8.39
SG CSX B 188 3.16 -16.94 8.74
C CSX B 188 6.93 -15.45 8.61
O CSX B 188 7.54 -15.41 7.53
OD CSX B 188 2.50 -17.39 7.48
N MET B 189 7.55 -15.52 9.78
CA MET B 189 8.97 -15.72 9.91
C MET B 189 9.46 -16.94 9.09
N ALA B 190 10.54 -16.76 8.36
CA ALA B 190 11.19 -17.84 7.58
C ALA B 190 10.47 -18.34 6.32
N PHE B 191 9.50 -17.57 5.84
CA PHE B 191 8.70 -17.92 4.67
C PHE B 191 8.98 -16.98 3.48
N SER B 192 10.25 -16.63 3.28
CA SER B 192 10.62 -15.65 2.27
CA SER B 192 10.68 -15.69 2.25
C SER B 192 10.20 -16.05 0.86
N LEU B 193 10.44 -17.29 0.44
CA LEU B 193 10.10 -17.66 -0.95
C LEU B 193 8.57 -17.71 -1.15
N TYR B 194 7.86 -18.27 -0.19
CA TYR B 194 6.38 -18.25 -0.25
C TYR B 194 5.88 -16.79 -0.39
N ASN B 195 6.41 -15.91 0.45
CA ASN B 195 5.96 -14.51 0.48
C ASN B 195 6.34 -13.82 -0.83
N MET B 196 7.52 -14.16 -1.37
CA MET B 196 7.90 -13.63 -2.68
C MET B 196 6.95 -14.07 -3.78
N GLY B 197 6.57 -15.33 -3.73
CA GLY B 197 5.60 -15.90 -4.63
C GLY B 197 4.25 -15.21 -4.61
N LYS B 198 3.74 -15.01 -3.42
CA LYS B 198 2.46 -14.27 -3.28
C LYS B 198 2.56 -12.78 -3.67
N HIS B 199 3.72 -12.15 -3.47
CA HIS B 199 3.85 -10.77 -3.93
C HIS B 199 3.86 -10.72 -5.45
N ALA B 200 4.59 -11.64 -6.05
CA ALA B 200 4.62 -11.75 -7.49
C ALA B 200 3.19 -11.92 -8.02
N LEU B 201 2.41 -12.71 -7.33
CA LEU B 201 1.03 -12.94 -7.74
C LEU B 201 0.17 -11.64 -7.73
N VAL B 202 0.43 -10.76 -6.77
CA VAL B 202 -0.27 -9.46 -6.70
C VAL B 202 0.13 -8.68 -7.95
N GLY B 203 1.42 -8.76 -8.29
CA GLY B 203 1.97 -8.06 -9.45
C GLY B 203 1.33 -8.55 -10.74
N LEU B 204 1.19 -9.86 -10.83
CA LEU B 204 0.52 -10.47 -11.98
C LEU B 204 -0.95 -10.03 -12.07
N THR B 205 -1.65 -10.05 -10.91
CA THR B 205 -3.04 -9.65 -10.86
C THR B 205 -3.18 -8.22 -11.46
N GLN B 206 -2.31 -7.29 -11.04
CA GLN B 206 -2.34 -5.91 -11.60
C GLN B 206 -1.95 -5.82 -13.07
N SER B 207 -0.81 -6.41 -13.41
CA SER B 207 -0.30 -6.37 -14.79
C SER B 207 -1.27 -7.03 -15.76
N ALA B 208 -1.83 -8.15 -15.35
CA ALA B 208 -2.73 -8.83 -16.25
C ALA B 208 -4.08 -8.11 -16.35
N ALA B 209 -4.55 -7.50 -15.26
CA ALA B 209 -5.77 -6.71 -15.38
C ALA B 209 -5.64 -5.57 -16.41
N LEU B 210 -4.51 -4.87 -16.35
CA LEU B 210 -4.22 -3.78 -17.25
C LEU B 210 -4.18 -4.29 -18.71
N GLU B 211 -3.47 -5.37 -18.92
CA GLU B 211 -3.19 -5.84 -20.25
C GLU B 211 -4.36 -6.59 -20.89
N LEU B 212 -5.10 -7.32 -20.09
CA LEU B 212 -6.26 -8.04 -20.59
C LEU B 212 -7.60 -7.32 -20.59
N ALA B 213 -7.65 -6.11 -20.03
CA ALA B 213 -8.90 -5.35 -19.99
C ALA B 213 -9.48 -5.11 -21.40
N PRO B 214 -8.61 -4.84 -22.41
CA PRO B 214 -9.12 -4.66 -23.77
C PRO B 214 -9.78 -5.89 -24.33
N TYR B 215 -9.57 -7.07 -23.74
CA TYR B 215 -10.18 -8.30 -24.26
C TYR B 215 -11.41 -8.66 -23.53
N GLY B 216 -11.77 -7.84 -22.55
CA GLY B 216 -12.91 -8.07 -21.72
C GLY B 216 -12.61 -9.04 -20.59
N ILE B 217 -11.36 -9.35 -20.35
CA ILE B 217 -11.05 -10.26 -19.24
C ILE B 217 -10.66 -9.49 -18.00
N ARG B 218 -11.42 -9.66 -16.93
CA ARG B 218 -11.14 -9.08 -15.63
C ARG B 218 -10.20 -10.00 -14.84
N VAL B 219 -9.38 -9.39 -14.01
CA VAL B 219 -8.37 -10.13 -13.21
C VAL B 219 -8.32 -9.52 -11.82
N ASN B 220 -8.68 -10.34 -10.84
CA ASN B 220 -8.84 -9.91 -9.45
C ASN B 220 -8.24 -10.95 -8.53
N GLY B 221 -8.18 -10.62 -7.25
CA GLY B 221 -7.70 -11.54 -6.23
C GLY B 221 -8.61 -11.60 -5.02
N VAL B 222 -8.54 -12.73 -4.33
CA VAL B 222 -9.10 -12.92 -3.01
C VAL B 222 -7.95 -13.25 -2.08
N ALA B 223 -7.89 -12.56 -0.94
CA ALA B 223 -6.76 -12.62 -0.02
C ALA B 223 -7.19 -13.14 1.34
N PRO B 224 -7.10 -14.46 1.55
CA PRO B 224 -7.48 -14.98 2.89
C PRO B 224 -6.47 -14.59 3.96
N GLY B 225 -6.90 -14.54 5.22
CA GLY B 225 -5.97 -14.39 6.32
C GLY B 225 -5.63 -15.74 6.94
N VAL B 226 -6.45 -16.21 7.88
CA VAL B 226 -6.33 -17.63 8.30
C VAL B 226 -7.65 -18.29 8.00
N SER B 227 -7.57 -19.34 7.21
CA SER B 227 -8.73 -20.12 6.79
C SER B 227 -8.51 -21.65 6.94
N LEU B 228 -9.50 -22.34 7.48
CA LEU B 228 -9.54 -23.79 7.50
C LEU B 228 -8.23 -24.33 7.97
N LEU B 229 -7.93 -24.13 9.25
CA LEU B 229 -6.68 -24.59 9.81
C LEU B 229 -6.67 -26.13 9.73
N PRO B 230 -5.51 -26.73 9.45
CA PRO B 230 -5.53 -28.14 9.11
C PRO B 230 -6.07 -28.99 10.23
N VAL B 231 -6.96 -29.92 9.85
CA VAL B 231 -7.64 -30.85 10.78
C VAL B 231 -6.69 -31.40 11.86
N ALA B 232 -5.44 -31.66 11.51
CA ALA B 232 -4.49 -32.28 12.44
C ALA B 232 -3.76 -31.31 13.35
N MET B 233 -3.86 -30.01 13.11
CA MET B 233 -3.37 -29.03 14.11
C MET B 233 -4.18 -29.12 15.41
N GLY B 234 -3.53 -29.24 16.57
CA GLY B 234 -4.25 -29.31 17.83
C GLY B 234 -5.14 -28.09 18.02
N GLU B 235 -6.32 -28.29 18.59
CA GLU B 235 -7.28 -27.21 18.82
C GLU B 235 -6.68 -26.09 19.67
N GLU B 236 -5.89 -26.44 20.69
CA GLU B 236 -5.27 -25.43 21.55
C GLU B 236 -4.38 -24.46 20.76
N GLU B 237 -3.76 -24.99 19.70
CA GLU B 237 -2.93 -24.17 18.83
CA GLU B 237 -2.91 -24.22 18.77
C GLU B 237 -3.81 -23.37 17.85
N LYS B 238 -4.81 -24.04 17.25
CA LYS B 238 -5.83 -23.40 16.40
C LYS B 238 -6.41 -22.21 17.12
N ASP B 239 -6.71 -22.40 18.41
CA ASP B 239 -7.26 -21.30 19.23
C ASP B 239 -6.27 -20.13 19.43
N LYS B 240 -4.96 -20.38 19.41
CA LYS B 240 -3.97 -19.28 19.57
C LYS B 240 -4.01 -18.31 18.36
N TRP B 241 -4.32 -18.86 17.20
CA TRP B 241 -4.45 -18.06 15.99
C TRP B 241 -5.80 -17.47 15.88
N ARG B 242 -6.79 -18.30 16.14
CA ARG B 242 -8.15 -17.89 16.19
C ARG B 242 -8.33 -16.67 17.07
N ARG B 243 -7.66 -16.68 18.21
CA ARG B 243 -7.79 -15.60 19.19
C ARG B 243 -7.32 -14.25 18.66
N LYS B 244 -6.40 -14.25 17.71
CA LYS B 244 -5.96 -13.00 17.08
C LYS B 244 -6.97 -12.33 16.14
N VAL B 245 -7.93 -13.07 15.62
CA VAL B 245 -8.84 -12.54 14.62
C VAL B 245 -9.92 -11.67 15.26
N PRO B 246 -9.98 -10.38 14.88
CA PRO B 246 -10.98 -9.49 15.49
C PRO B 246 -12.40 -9.95 15.30
N LEU B 247 -12.74 -10.41 14.11
CA LEU B 247 -14.11 -10.74 13.80
C LEU B 247 -14.41 -12.19 14.17
N GLY B 248 -14.75 -12.39 15.45
CA GLY B 248 -15.23 -13.69 15.96
C GLY B 248 -14.20 -14.64 16.51
N ARG B 249 -12.93 -14.24 16.53
CA ARG B 249 -11.89 -15.04 17.14
C ARG B 249 -11.86 -16.45 16.53
N ARG B 250 -12.11 -16.53 15.23
CA ARG B 250 -12.02 -17.77 14.50
C ARG B 250 -11.49 -17.56 13.09
N GLU B 251 -11.12 -18.67 12.48
CA GLU B 251 -10.64 -18.69 11.09
C GLU B 251 -11.80 -18.67 10.12
N ALA B 252 -11.54 -18.31 8.85
CA ALA B 252 -12.54 -18.32 7.82
C ALA B 252 -12.82 -19.78 7.44
N SER B 253 -14.06 -20.00 7.06
CA SER B 253 -14.43 -21.24 6.39
C SER B 253 -14.04 -21.17 4.94
N ALA B 254 -13.85 -22.35 4.36
CA ALA B 254 -13.56 -22.48 2.96
C ALA B 254 -14.66 -21.83 2.13
N GLU B 255 -15.90 -21.98 2.58
CA GLU B 255 -17.05 -21.40 1.87
C GLU B 255 -17.06 -19.86 1.92
N GLN B 256 -16.60 -19.30 3.03
CA GLN B 256 -16.48 -17.82 3.09
C GLN B 256 -15.48 -17.29 2.08
N ILE B 257 -14.36 -18.01 1.85
CA ILE B 257 -13.40 -17.62 0.82
C ILE B 257 -14.06 -17.76 -0.54
N ALA B 258 -14.75 -18.90 -0.74
CA ALA B 258 -15.40 -19.16 -2.00
C ALA B 258 -16.42 -18.09 -2.34
N ASP B 259 -17.10 -17.55 -1.34
CA ASP B 259 -18.13 -16.52 -1.57
C ASP B 259 -17.54 -15.27 -2.25
N ALA B 260 -16.29 -14.94 -1.91
CA ALA B 260 -15.63 -13.78 -2.51
C ALA B 260 -15.27 -14.06 -3.95
N VAL B 261 -14.83 -15.28 -4.24
CA VAL B 261 -14.56 -15.70 -5.61
C VAL B 261 -15.84 -15.62 -6.47
N ILE B 262 -16.95 -16.16 -5.97
CA ILE B 262 -18.23 -16.14 -6.66
C ILE B 262 -18.67 -14.71 -6.98
N PHE B 263 -18.49 -13.82 -6.01
CA PHE B 263 -18.78 -12.39 -6.26
C PHE B 263 -17.94 -11.84 -7.41
N LEU B 264 -16.63 -12.07 -7.36
CA LEU B 264 -15.76 -11.51 -8.37
C LEU B 264 -16.02 -12.06 -9.76
N VAL B 265 -16.43 -13.33 -9.90
CA VAL B 265 -16.76 -13.82 -11.22
C VAL B 265 -18.20 -13.42 -11.69
N SER B 266 -19.04 -12.94 -10.76
CA SER B 266 -20.45 -12.57 -11.09
C SER B 266 -20.59 -11.35 -11.96
N GLY B 267 -21.79 -11.19 -12.50
CA GLY B 267 -22.18 -9.97 -13.18
C GLY B 267 -22.26 -8.76 -12.26
N SER B 268 -22.25 -8.97 -10.95
CA SER B 268 -22.22 -7.84 -9.99
C SER B 268 -20.82 -7.22 -9.82
N ALA B 269 -19.81 -7.79 -10.46
CA ALA B 269 -18.44 -7.31 -10.41
C ALA B 269 -17.93 -6.93 -11.78
N GLN B 270 -18.86 -6.62 -12.70
CA GLN B 270 -18.45 -6.29 -14.10
C GLN B 270 -17.51 -5.12 -14.32
N TYR B 271 -17.40 -4.17 -13.42
CA TYR B 271 -16.41 -3.10 -13.56
C TYR B 271 -15.20 -3.26 -12.64
N ILE B 272 -15.15 -4.37 -11.90
CA ILE B 272 -14.06 -4.63 -10.97
C ILE B 272 -12.95 -5.38 -11.68
N THR B 273 -11.81 -4.76 -11.76
CA THR B 273 -10.61 -5.43 -12.23
C THR B 273 -9.38 -4.82 -11.56
N GLY B 274 -8.37 -5.67 -11.31
CA GLY B 274 -7.14 -5.31 -10.58
C GLY B 274 -7.36 -5.13 -9.10
N SER B 275 -8.47 -5.63 -8.58
CA SER B 275 -8.81 -5.48 -7.17
C SER B 275 -8.53 -6.76 -6.41
N ILE B 276 -8.06 -6.60 -5.18
CA ILE B 276 -7.80 -7.74 -4.30
C ILE B 276 -8.65 -7.59 -3.04
N ILE B 277 -9.57 -8.53 -2.84
CA ILE B 277 -10.46 -8.46 -1.73
C ILE B 277 -9.89 -9.31 -0.60
N LYS B 278 -9.57 -8.66 0.51
CA LYS B 278 -9.20 -9.38 1.76
C LYS B 278 -10.43 -10.08 2.36
N VAL B 279 -10.26 -11.31 2.81
CA VAL B 279 -11.32 -12.08 3.52
C VAL B 279 -10.61 -12.64 4.71
N ASP B 280 -10.42 -11.77 5.70
CA ASP B 280 -9.48 -12.03 6.77
C ASP B 280 -9.99 -11.71 8.20
N GLY B 281 -11.23 -11.30 8.32
CA GLY B 281 -11.79 -11.08 9.63
C GLY B 281 -11.12 -9.95 10.40
N GLY B 282 -10.40 -9.09 9.66
CA GLY B 282 -9.61 -8.01 10.28
C GLY B 282 -8.21 -8.37 10.74
N LEU B 283 -7.77 -9.62 10.50
CA LEU B 283 -6.48 -10.08 11.01
C LEU B 283 -5.25 -9.21 10.58
N SER B 284 -5.25 -8.78 9.33
CA SER B 284 -4.15 -7.98 8.84
C SER B 284 -4.06 -6.60 9.50
N LEU B 285 -5.10 -6.16 10.20
CA LEU B 285 -5.13 -4.88 10.88
C LEU B 285 -4.57 -4.90 12.30
N VAL B 286 -4.29 -6.10 12.81
CA VAL B 286 -3.84 -6.26 14.18
C VAL B 286 -2.32 -6.15 14.29
N HIS B 287 -1.88 -5.20 15.10
CA HIS B 287 -0.46 -4.96 15.29
C HIS B 287 0.18 -6.07 16.13
N ALA B 288 1.51 -6.15 16.10
CA ALA B 288 2.24 -7.14 16.89
C ALA B 288 1.96 -7.08 18.39
N GLU C 22 24.30 33.35 3.65
CA GLU C 22 23.11 33.35 4.56
C GLU C 22 22.70 31.90 4.87
N ALA C 23 22.66 31.54 6.14
CA ALA C 23 22.20 30.24 6.55
C ALA C 23 20.69 30.04 6.26
N PRO C 24 20.31 28.83 5.81
CA PRO C 24 18.88 28.60 5.62
C PRO C 24 18.15 28.57 6.96
N ALA C 25 16.82 28.67 6.93
CA ALA C 25 16.01 28.66 8.14
C ALA C 25 14.91 27.61 8.06
N ALA C 26 14.55 27.09 9.22
CA ALA C 26 13.55 26.04 9.36
C ALA C 26 12.57 26.29 10.52
N VAL C 27 11.32 25.92 10.31
CA VAL C 27 10.31 25.86 11.37
C VAL C 27 10.13 24.43 11.75
N VAL C 28 10.23 24.14 13.05
CA VAL C 28 9.89 22.83 13.57
C VAL C 28 8.72 22.96 14.58
N THR C 29 7.60 22.34 14.29
CA THR C 29 6.48 22.40 15.22
C THR C 29 6.66 21.42 16.36
N GLY C 30 6.15 21.74 17.53
CA GLY C 30 6.32 20.90 18.69
C GLY C 30 7.76 20.56 18.97
N ALA C 31 8.63 21.58 18.95
CA ALA C 31 10.06 21.41 19.01
C ALA C 31 10.69 21.54 20.38
N ALA C 32 9.91 21.70 21.44
CA ALA C 32 10.50 21.92 22.75
C ALA C 32 11.04 20.68 23.42
N LYS C 33 10.56 19.50 22.99
CA LYS C 33 10.81 18.28 23.75
C LYS C 33 10.95 17.12 22.78
N ARG C 34 11.50 16.00 23.28
CA ARG C 34 11.39 14.73 22.59
C ARG C 34 11.87 14.80 21.12
N ILE C 35 11.09 14.24 20.20
CA ILE C 35 11.55 14.10 18.82
C ILE C 35 11.74 15.47 18.12
N GLY C 36 10.80 16.37 18.30
CA GLY C 36 10.85 17.73 17.73
C GLY C 36 12.09 18.45 18.18
N ARG C 37 12.46 18.26 19.47
CA ARG C 37 13.66 18.91 19.96
C ARG C 37 14.94 18.37 19.28
N ALA C 38 14.98 17.05 19.11
CA ALA C 38 16.07 16.37 18.43
C ALA C 38 16.21 16.82 16.98
N ILE C 39 15.08 16.98 16.28
CA ILE C 39 15.04 17.51 14.93
C ILE C 39 15.55 18.94 14.88
N ALA C 40 15.07 19.79 15.79
CA ALA C 40 15.57 21.17 15.86
C ALA C 40 17.09 21.25 16.09
N VAL C 41 17.57 20.48 17.06
CA VAL C 41 19.02 20.43 17.38
C VAL C 41 19.80 19.98 16.16
N LYS C 42 19.36 18.87 15.52
CA LYS C 42 20.13 18.35 14.40
C LYS C 42 20.13 19.31 13.22
N LEU C 43 19.01 19.95 12.95
CA LEU C 43 19.00 20.95 11.87
C LEU C 43 19.96 22.13 12.20
N HIS C 44 19.89 22.62 13.42
CA HIS C 44 20.77 23.70 13.87
C HIS C 44 22.24 23.28 13.73
N GLN C 45 22.55 22.04 14.13
CA GLN C 45 23.91 21.48 13.94
C GLN C 45 24.35 21.44 12.49
N THR C 46 23.43 21.17 11.58
CA THR C 46 23.67 21.15 10.16
C THR C 46 23.82 22.57 9.60
N GLY C 47 23.48 23.60 10.36
CA GLY C 47 23.71 24.97 9.92
C GLY C 47 22.44 25.80 9.74
N TYR C 48 21.28 25.23 10.01
CA TYR C 48 20.03 25.99 9.97
C TYR C 48 19.82 26.90 11.16
N ARG C 49 19.16 28.02 10.89
CA ARG C 49 18.53 28.83 11.91
C ARG C 49 17.15 28.23 12.13
N VAL C 50 16.63 28.24 13.36
CA VAL C 50 15.38 27.54 13.66
C VAL C 50 14.34 28.35 14.42
N VAL C 51 13.08 28.14 14.06
CA VAL C 51 11.97 28.56 14.84
C VAL C 51 11.49 27.32 15.60
N ILE C 52 11.51 27.45 16.90
CA ILE C 52 11.05 26.45 17.85
C ILE C 52 9.60 26.76 18.19
N HIS C 53 8.67 26.04 17.60
CA HIS C 53 7.27 26.25 17.97
C HIS C 53 6.97 25.34 19.14
N TYR C 54 6.08 25.78 20.01
CA TYR C 54 5.67 25.01 21.16
C TYR C 54 4.24 25.43 21.47
N HIS C 55 3.55 24.61 22.26
CA HIS C 55 2.23 24.90 22.75
C HIS C 55 2.23 25.18 24.27
N ASN C 56 2.46 24.17 25.11
CA ASN C 56 2.53 24.35 26.57
C ASN C 56 3.94 24.33 27.18
N SER C 57 4.92 23.78 26.47
CA SER C 57 6.23 23.57 27.05
C SER C 57 7.13 24.80 26.93
N ALA C 58 6.71 25.90 27.57
CA ALA C 58 7.38 27.19 27.38
C ALA C 58 8.79 27.18 27.96
N GLU C 59 8.98 26.61 29.16
CA GLU C 59 10.33 26.64 29.77
C GLU C 59 11.33 25.82 28.94
N ALA C 60 10.90 24.66 28.43
CA ALA C 60 11.77 23.87 27.59
C ALA C 60 12.08 24.54 26.28
N ALA C 61 11.09 25.20 25.68
CA ALA C 61 11.34 25.92 24.41
C ALA C 61 12.35 27.06 24.55
N VAL C 62 12.16 27.88 25.58
CA VAL C 62 13.10 28.96 25.85
C VAL C 62 14.50 28.42 26.20
N SER C 63 14.57 27.37 27.00
CA SER C 63 15.88 26.78 27.30
C SER C 63 16.60 26.24 26.07
N LEU C 64 15.89 25.54 25.17
CA LEU C 64 16.46 25.10 23.93
C LEU C 64 16.96 26.33 23.13
N ALA C 65 16.18 27.40 23.03
CA ALA C 65 16.58 28.56 22.22
C ALA C 65 17.90 29.13 22.72
N ASP C 66 18.00 29.19 24.05
CA ASP C 66 19.16 29.72 24.80
C ASP C 66 20.37 28.91 24.42
N GLU C 67 20.21 27.59 24.49
CA GLU C 67 21.31 26.68 24.21
C GLU C 67 21.75 26.76 22.77
N LEU C 68 20.80 26.89 21.86
CA LEU C 68 21.16 27.00 20.47
C LEU C 68 21.80 28.33 20.16
N ASN C 69 21.29 29.41 20.75
CA ASN C 69 21.90 30.74 20.51
C ASN C 69 23.30 30.90 21.13
N LYS C 70 23.51 30.19 22.24
CA LYS C 70 24.86 30.07 22.78
C LYS C 70 25.81 29.46 21.79
N GLU C 71 25.42 28.39 21.09
CA GLU C 71 26.29 27.86 20.02
C GLU C 71 26.50 28.87 18.94
N ARG C 72 25.46 29.60 18.57
CA ARG C 72 25.58 30.48 17.41
C ARG C 72 24.56 31.61 17.56
N SER C 73 25.04 32.87 17.65
CA SER C 73 24.14 33.96 18.02
C SER C 73 23.08 34.18 16.97
N ASN C 74 21.84 34.47 17.41
CA ASN C 74 20.78 34.91 16.54
C ASN C 74 20.40 33.81 15.55
N THR C 75 20.39 32.57 16.05
CA THR C 75 20.05 31.43 15.21
C THR C 75 18.82 30.64 15.67
N ALA C 76 18.19 31.04 16.77
CA ALA C 76 17.00 30.35 17.24
C ALA C 76 16.02 31.34 17.84
N VAL C 77 14.75 31.17 17.51
CA VAL C 77 13.68 31.95 18.16
C VAL C 77 12.56 30.99 18.55
N VAL C 78 11.65 31.41 19.41
CA VAL C 78 10.45 30.60 19.71
C VAL C 78 9.17 31.25 19.25
N CYS C 79 8.17 30.41 19.03
CA CYS C 79 6.84 30.88 18.64
C CYS C 79 5.84 30.00 19.30
N GLN C 80 4.95 30.56 20.08
CA GLN C 80 3.93 29.76 20.72
C GLN C 80 2.65 29.75 19.87
N ALA C 81 2.02 28.58 19.73
CA ALA C 81 0.66 28.47 19.17
C ALA C 81 -0.04 27.15 19.53
N ASP C 82 -1.33 27.23 19.81
CA ASP C 82 -2.20 26.05 19.86
C ASP C 82 -2.53 25.69 18.37
N LEU C 83 -2.42 24.42 18.01
CA LEU C 83 -2.62 24.00 16.61
C LEU C 83 -3.90 23.15 16.49
N THR C 84 -4.73 23.23 17.53
CA THR C 84 -6.10 22.69 17.52
C THR C 84 -6.87 23.30 16.41
N ASN C 85 -7.71 22.52 15.76
CA ASN C 85 -8.51 23.09 14.71
C ASN C 85 -9.52 24.14 15.25
N SER C 86 -9.64 25.29 14.58
CA SER C 86 -10.58 26.35 14.97
C SER C 86 -10.66 27.39 13.87
N ASN C 87 -11.55 28.36 14.02
CA ASN C 87 -11.62 29.52 13.13
C ASN C 87 -10.35 30.39 13.06
N VAL C 88 -9.50 30.32 14.09
CA VAL C 88 -8.26 31.12 14.13
C VAL C 88 -7.01 30.34 13.74
N LEU C 89 -7.13 29.04 13.44
CA LEU C 89 -5.96 28.26 13.11
C LEU C 89 -5.27 28.78 11.85
N PRO C 90 -6.01 29.12 10.78
CA PRO C 90 -5.29 29.63 9.63
C PRO C 90 -4.35 30.82 9.93
N ALA C 91 -4.79 31.80 10.71
CA ALA C 91 -3.95 32.90 11.18
C ALA C 91 -2.80 32.47 12.06
N SER C 92 -3.05 31.53 12.96
CA SER C 92 -1.96 31.05 13.81
C SER C 92 -0.87 30.43 12.93
N CYS C 93 -1.28 29.64 11.94
CA CYS C 93 -0.27 28.99 11.08
C CYS C 93 0.47 30.01 10.23
N GLU C 94 -0.27 30.98 9.70
CA GLU C 94 0.36 32.11 9.02
C GLU C 94 1.39 32.80 9.95
N GLU C 95 1.03 33.03 11.21
CA GLU C 95 1.92 33.62 12.26
C GLU C 95 3.24 32.86 12.40
N ILE C 96 3.16 31.53 12.35
CA ILE C 96 4.31 30.69 12.63
C ILE C 96 5.30 30.81 11.51
N ILE C 97 4.79 30.77 10.28
CA ILE C 97 5.65 30.95 9.10
C ILE C 97 6.24 32.36 9.13
N ASN C 98 5.41 33.34 9.50
CA ASN C 98 5.84 34.74 9.60
C ASN C 98 6.97 34.94 10.58
N SER C 99 6.89 34.27 11.73
CA SER C 99 7.93 34.33 12.73
CA SER C 99 7.94 34.34 12.72
C SER C 99 9.29 33.97 12.12
N CYS C 100 9.31 32.99 11.20
CA CYS C 100 10.55 32.62 10.55
C CYS C 100 11.06 33.72 9.58
N PHE C 101 10.16 34.31 8.81
CA PHE C 101 10.57 35.43 7.93
C PHE C 101 11.02 36.69 8.72
N ARG C 102 10.36 36.96 9.84
CA ARG C 102 10.67 38.18 10.60
C ARG C 102 11.99 38.09 11.31
N ALA C 103 12.37 36.87 11.71
CA ALA C 103 13.60 36.65 12.42
C ALA C 103 14.75 36.53 11.44
N PHE C 104 14.53 35.78 10.37
CA PHE C 104 15.64 35.27 9.57
C PHE C 104 15.61 35.68 8.12
N GLY C 105 14.50 36.22 7.66
CA GLY C 105 14.41 36.74 6.29
C GLY C 105 14.12 35.68 5.26
N ARG C 106 13.83 34.47 5.71
CA ARG C 106 13.61 33.35 4.77
C ARG C 106 13.05 32.18 5.53
N CYS C 107 12.53 31.19 4.77
CA CYS C 107 12.00 29.95 5.34
C CYS C 107 12.14 28.85 4.30
N ASP C 108 13.13 28.00 4.50
CA ASP C 108 13.52 26.97 3.54
C ASP C 108 12.89 25.61 3.85
N VAL C 109 12.72 25.31 5.15
CA VAL C 109 12.26 23.99 5.59
C VAL C 109 11.11 24.15 6.64
N LEU C 110 10.08 23.30 6.50
CA LEU C 110 9.02 23.17 7.49
C LEU C 110 8.94 21.73 7.92
N VAL C 111 9.01 21.46 9.23
CA VAL C 111 8.86 20.10 9.74
C VAL C 111 7.58 20.11 10.59
N ASN C 112 6.58 19.32 10.20
CA ASN C 112 5.30 19.21 10.88
C ASN C 112 5.38 18.01 11.85
N ASN C 113 5.78 18.34 13.05
CA ASN C 113 6.06 17.32 14.11
C ASN C 113 4.99 17.33 15.21
N ALA C 114 4.45 18.50 15.57
CA ALA C 114 3.44 18.61 16.65
C ALA C 114 2.26 17.67 16.43
N SER C 115 1.75 17.09 17.51
CA SER C 115 0.81 16.02 17.37
C SER C 115 0.17 15.74 18.72
N ALA C 116 -1.15 15.83 18.76
CA ALA C 116 -1.90 15.30 19.93
C ALA C 116 -2.08 13.80 19.70
N PHE C 117 -2.06 13.02 20.78
CA PHE C 117 -2.16 11.57 20.74
C PHE C 117 -2.81 11.11 22.04
N TYR C 118 -4.03 10.60 21.93
CA TYR C 118 -4.75 9.91 23.05
C TYR C 118 -5.92 9.12 22.49
N PRO C 119 -6.46 8.14 23.25
CA PRO C 119 -7.57 7.31 22.77
C PRO C 119 -8.89 8.06 22.66
N THR C 120 -9.70 7.69 21.65
CA THR C 120 -11.01 8.28 21.40
C THR C 120 -11.97 7.12 21.03
N PRO C 121 -12.36 6.33 22.03
CA PRO C 121 -13.07 5.08 21.82
C PRO C 121 -14.37 5.37 21.12
N LEU C 122 -14.78 4.49 20.23
CA LEU C 122 -16.01 4.68 19.46
C LEU C 122 -17.25 4.43 20.31
N VAL C 123 -17.11 3.62 21.35
CA VAL C 123 -18.26 3.22 22.17
C VAL C 123 -18.05 3.71 23.58
N GLN C 124 -18.98 4.57 24.03
CA GLN C 124 -19.05 5.10 25.41
C GLN C 124 -20.01 4.27 26.26
N GLY C 133 -12.94 14.75 30.90
CA GLY C 133 -13.39 14.11 29.68
C GLY C 133 -13.80 15.15 28.66
N LYS C 134 -12.89 15.47 27.75
CA LYS C 134 -13.15 16.38 26.62
C LYS C 134 -14.39 15.98 25.85
N THR C 135 -15.07 16.94 25.25
CA THR C 135 -16.18 16.63 24.34
C THR C 135 -15.65 16.04 23.05
N VAL C 136 -16.52 15.36 22.31
CA VAL C 136 -16.01 14.66 21.14
C VAL C 136 -15.55 15.69 20.16
N GLU C 137 -16.25 16.82 20.09
CA GLU C 137 -15.85 17.80 19.09
C GLU C 137 -14.48 18.44 19.43
N THR C 138 -14.15 18.50 20.72
CA THR C 138 -12.84 18.97 21.11
C THR C 138 -11.73 17.95 20.73
N GLN C 139 -12.05 16.68 20.89
CA GLN C 139 -11.17 15.59 20.52
C GLN C 139 -10.92 15.62 19.03
N VAL C 140 -11.96 15.84 18.25
CA VAL C 140 -11.81 16.03 16.82
C VAL C 140 -10.90 17.23 16.49
N ALA C 141 -11.19 18.40 17.05
CA ALA C 141 -10.41 19.60 16.80
C ALA C 141 -8.94 19.40 17.12
N GLU C 142 -8.62 18.79 18.25
CA GLU C 142 -7.23 18.62 18.63
C GLU C 142 -6.49 17.57 17.79
N LEU C 143 -7.08 16.39 17.69
CA LEU C 143 -6.41 15.27 17.03
C LEU C 143 -6.32 15.49 15.52
N ILE C 144 -7.41 15.90 14.89
CA ILE C 144 -7.38 16.22 13.45
C ILE C 144 -6.65 17.57 13.16
N GLY C 145 -6.80 18.57 14.05
CA GLY C 145 -6.07 19.82 13.87
C GLY C 145 -4.56 19.65 13.89
N THR C 146 -4.04 19.03 14.93
CA THR C 146 -2.61 18.92 15.09
C THR C 146 -1.96 18.06 14.06
N ASN C 147 -2.60 16.94 13.74
CA ASN C 147 -2.01 15.91 12.89
C ASN C 147 -2.20 16.14 11.39
N ALA C 148 -3.17 16.96 11.01
CA ALA C 148 -3.53 17.17 9.59
C ALA C 148 -3.84 18.58 9.14
N ILE C 149 -4.79 19.25 9.78
CA ILE C 149 -5.24 20.56 9.28
CA ILE C 149 -5.25 20.56 9.30
C ILE C 149 -4.15 21.62 9.48
N ALA C 150 -3.51 21.62 10.63
CA ALA C 150 -2.42 22.56 10.87
C ALA C 150 -1.27 22.29 9.89
N PRO C 151 -0.94 21.02 9.67
CA PRO C 151 0.08 20.81 8.65
C PRO C 151 -0.32 21.30 7.25
N PHE C 152 -1.60 21.21 6.91
CA PHE C 152 -2.09 21.70 5.61
C PHE C 152 -1.95 23.24 5.56
N LEU C 153 -2.35 23.91 6.64
CA LEU C 153 -2.37 25.40 6.67
C LEU C 153 -0.97 25.94 6.70
N LEU C 154 -0.08 25.30 7.45
CA LEU C 154 1.34 25.64 7.46
C LEU C 154 1.99 25.43 6.09
N THR C 155 1.60 24.36 5.41
CA THR C 155 2.06 24.07 4.06
C THR C 155 1.58 25.19 3.10
N MET C 156 0.30 25.54 3.11
CA MET C 156 -0.21 26.67 2.32
C MET C 156 0.57 27.95 2.59
N SER C 157 0.78 28.28 3.86
CA SER C 157 1.48 29.52 4.22
C SER C 157 2.96 29.52 3.79
N PHE C 158 3.65 28.41 3.98
CA PHE C 158 5.01 28.24 3.51
C PHE C 158 5.11 28.41 2.00
N ALA C 159 4.28 27.67 1.26
CA ALA C 159 4.28 27.76 -0.20
C ALA C 159 3.98 29.18 -0.66
N GLN C 160 2.99 29.81 -0.08
CA GLN C 160 2.56 31.14 -0.51
C GLN C 160 3.68 32.18 -0.40
N ARG C 161 4.48 32.09 0.65
CA ARG C 161 5.67 32.92 0.86
C ARG C 161 6.86 32.69 -0.05
N GLN C 162 6.84 31.69 -0.90
CA GLN C 162 7.97 31.46 -1.82
C GLN C 162 7.52 31.81 -3.25
N SER C 171 18.72 28.23 -7.09
CA SER C 171 19.19 27.02 -6.40
C SER C 171 19.03 27.08 -4.86
N SER C 172 17.78 27.27 -4.43
CA SER C 172 17.37 27.02 -3.05
C SER C 172 17.14 25.52 -2.90
N ASN C 173 16.98 25.04 -1.67
CA ASN C 173 16.58 23.63 -1.45
C ASN C 173 15.44 23.64 -0.43
N LEU C 174 14.26 23.92 -0.94
CA LEU C 174 13.04 24.08 -0.12
C LEU C 174 12.37 22.72 0.09
N SER C 175 11.94 22.39 1.31
CA SER C 175 11.20 21.14 1.52
C SER C 175 10.42 21.14 2.82
N ILE C 176 9.48 20.22 2.85
CA ILE C 176 8.60 20.02 3.94
C ILE C 176 8.76 18.56 4.33
N VAL C 177 8.82 18.28 5.65
CA VAL C 177 8.85 16.91 6.15
C VAL C 177 7.76 16.73 7.22
N ASN C 178 6.89 15.77 7.01
CA ASN C 178 5.77 15.53 7.83
C ASN C 178 6.07 14.29 8.67
N LEU C 179 5.86 14.40 9.98
CA LEU C 179 6.03 13.24 10.85
C LEU C 179 4.78 12.39 10.85
N CYS C 180 4.90 11.22 10.24
CA CYS C 180 3.79 10.31 10.01
C CYS C 180 3.84 9.20 11.09
N ASP C 181 3.40 7.97 10.78
CA ASP C 181 3.36 6.87 11.75
C ASP C 181 3.46 5.55 10.97
N ALA C 182 4.52 4.79 11.24
CA ALA C 182 4.74 3.52 10.55
C ALA C 182 3.59 2.53 10.79
N MET C 183 2.84 2.70 11.88
CA MET C 183 1.80 1.74 12.32
C MET C 183 0.38 2.12 11.91
N VAL C 184 0.29 3.02 10.93
CA VAL C 184 -0.97 3.55 10.56
C VAL C 184 -1.92 2.51 9.95
N ASP C 185 -1.38 1.44 9.36
CA ASP C 185 -2.25 0.38 8.84
C ASP C 185 -2.52 -0.77 9.81
N GLN C 186 -1.95 -0.69 11.00
CA GLN C 186 -2.24 -1.63 12.06
C GLN C 186 -2.40 -0.80 13.32
N PRO C 187 -3.49 -0.02 13.41
CA PRO C 187 -3.55 1.04 14.39
C PRO C 187 -3.79 0.52 15.81
N CSX C 188 -3.40 1.28 16.82
CA CSX C 188 -3.76 0.90 18.20
CB CSX C 188 -3.13 1.80 19.24
SG CSX C 188 -1.44 1.56 19.40
C CSX C 188 -5.26 0.96 18.36
O CSX C 188 -5.91 1.83 17.83
OD CSX C 188 -0.88 2.79 18.76
N MET C 189 -5.81 0.02 19.14
CA MET C 189 -7.21 -0.04 19.42
C MET C 189 -7.69 1.27 20.09
N ALA C 190 -8.83 1.78 19.64
CA ALA C 190 -9.47 2.96 20.23
C ALA C 190 -8.76 4.30 19.96
N PHE C 191 -7.88 4.32 18.96
CA PHE C 191 -7.21 5.53 18.48
C PHE C 191 -7.73 5.97 17.09
N SER C 192 -9.04 5.92 16.87
CA SER C 192 -9.63 6.26 15.57
C SER C 192 -9.26 7.63 15.08
N LEU C 193 -9.46 8.64 15.90
CA LEU C 193 -9.27 10.00 15.41
C LEU C 193 -7.78 10.24 15.16
N TYR C 194 -6.91 9.79 16.05
CA TYR C 194 -5.46 9.94 15.83
C TYR C 194 -5.09 9.28 14.50
N ASN C 195 -5.58 8.08 14.25
CA ASN C 195 -5.22 7.36 13.02
C ASN C 195 -5.73 8.05 11.76
N MET C 196 -6.97 8.55 11.86
CA MET C 196 -7.55 9.33 10.76
C MET C 196 -6.66 10.53 10.43
N GLY C 197 -6.17 11.17 11.48
CA GLY C 197 -5.34 12.36 11.36
C GLY C 197 -4.02 12.06 10.68
N LYS C 198 -3.43 10.93 11.04
CA LYS C 198 -2.16 10.52 10.39
C LYS C 198 -2.34 10.04 8.94
N HIS C 199 -3.49 9.43 8.66
CA HIS C 199 -3.78 9.03 7.31
C HIS C 199 -3.99 10.27 6.46
N ALA C 200 -4.70 11.27 6.98
CA ALA C 200 -4.86 12.52 6.27
C ALA C 200 -3.51 13.14 5.98
N LEU C 201 -2.62 13.03 6.94
CA LEU C 201 -1.27 13.63 6.78
C LEU C 201 -0.50 12.94 5.63
N VAL C 202 -0.66 11.63 5.47
CA VAL C 202 -0.11 10.94 4.31
C VAL C 202 -0.70 11.53 3.04
N GLY C 203 -2.02 11.68 3.04
CA GLY C 203 -2.71 12.30 1.92
C GLY C 203 -2.17 13.68 1.56
N LEU C 204 -2.01 14.55 2.57
CA LEU C 204 -1.34 15.85 2.40
C LEU C 204 0.08 15.75 1.80
N THR C 205 0.89 14.85 2.33
CA THR C 205 2.24 14.64 1.85
C THR C 205 2.24 14.39 0.32
N GLN C 206 1.38 13.48 -0.14
CA GLN C 206 1.27 13.14 -1.54
C GLN C 206 0.69 14.27 -2.36
N SER C 207 -0.43 14.83 -1.91
CA SER C 207 -1.07 15.94 -2.61
C SER C 207 -0.15 17.15 -2.75
N ALA C 208 0.48 17.53 -1.64
CA ALA C 208 1.34 18.72 -1.65
C ALA C 208 2.62 18.44 -2.46
N ALA C 209 3.15 17.20 -2.42
CA ALA C 209 4.34 16.88 -3.27
C ALA C 209 4.02 17.14 -4.74
N LEU C 210 2.85 16.66 -5.13
CA LEU C 210 2.41 16.82 -6.52
CA LEU C 210 2.37 16.83 -6.51
C LEU C 210 2.26 18.29 -6.89
N GLU C 211 1.59 19.06 -6.04
CA GLU C 211 1.17 20.41 -6.37
C GLU C 211 2.27 21.44 -6.25
N LEU C 212 3.21 21.19 -5.34
CA LEU C 212 4.30 22.10 -5.07
C LEU C 212 5.60 21.73 -5.81
N ALA C 213 5.60 20.62 -6.53
CA ALA C 213 6.78 20.21 -7.32
C ALA C 213 7.22 21.27 -8.32
N PRO C 214 6.27 21.98 -8.97
CA PRO C 214 6.61 23.07 -9.93
C PRO C 214 7.37 24.23 -9.31
N TYR C 215 7.23 24.41 -8.00
CA TYR C 215 7.92 25.49 -7.31
C TYR C 215 9.22 25.01 -6.71
N GLY C 216 9.60 23.78 -6.95
CA GLY C 216 10.85 23.28 -6.38
C GLY C 216 10.72 22.90 -4.91
N ILE C 217 9.51 22.87 -4.36
CA ILE C 217 9.32 22.44 -2.95
C ILE C 217 9.05 20.93 -2.90
N ARG C 218 9.94 20.19 -2.25
CA ARG C 218 9.72 18.79 -2.04
C ARG C 218 8.89 18.61 -0.79
N VAL C 219 8.06 17.56 -0.76
CA VAL C 219 7.25 17.19 0.44
C VAL C 219 7.37 15.72 0.72
N ASN C 220 7.87 15.37 1.92
CA ASN C 220 8.13 13.99 2.27
C ASN C 220 7.74 13.72 3.71
N GLY C 221 7.85 12.47 4.11
CA GLY C 221 7.48 12.07 5.46
C GLY C 221 8.50 11.16 6.10
N VAL C 222 8.52 11.20 7.42
CA VAL C 222 9.21 10.22 8.24
C VAL C 222 8.19 9.56 9.17
N ALA C 223 8.17 8.23 9.18
CA ALA C 223 7.16 7.45 9.91
C ALA C 223 7.86 6.60 10.99
N PRO C 224 7.88 7.13 12.20
CA PRO C 224 8.44 6.40 13.33
C PRO C 224 7.58 5.21 13.70
N GLY C 225 8.21 4.18 14.27
CA GLY C 225 7.47 3.07 14.91
C GLY C 225 7.20 3.38 16.39
N VAL C 226 7.95 2.78 17.28
CA VAL C 226 8.03 3.22 18.67
C VAL C 226 9.36 3.92 18.92
N SER C 227 9.26 5.12 19.52
CA SER C 227 10.42 5.98 19.76
CA SER C 227 10.40 5.99 19.75
C SER C 227 10.29 6.65 21.13
N LEU C 228 11.37 6.65 21.90
CA LEU C 228 11.39 7.42 23.16
C LEU C 228 10.19 7.18 24.06
N LEU C 229 10.09 5.98 24.60
CA LEU C 229 8.98 5.63 25.48
C LEU C 229 9.16 6.46 26.77
N PRO C 230 8.06 7.04 27.29
CA PRO C 230 8.18 7.88 28.52
C PRO C 230 8.80 7.09 29.68
N VAL C 231 9.55 7.77 30.55
CA VAL C 231 10.16 7.11 31.72
C VAL C 231 9.07 6.52 32.66
N ALA C 232 7.97 7.26 32.84
CA ALA C 232 6.88 6.91 33.80
C ALA C 232 5.87 5.84 33.33
N MET C 233 5.84 5.55 32.03
CA MET C 233 5.08 4.40 31.51
C MET C 233 5.54 3.08 32.20
N GLY C 234 4.64 2.11 32.26
CA GLY C 234 4.93 0.90 33.02
C GLY C 234 6.05 0.06 32.41
N GLU C 235 6.81 -0.61 33.27
CA GLU C 235 7.93 -1.45 32.87
C GLU C 235 7.48 -2.71 32.15
N GLU C 236 6.39 -3.30 32.63
CA GLU C 236 5.80 -4.43 31.92
C GLU C 236 5.42 -4.01 30.50
N GLU C 237 4.72 -2.89 30.36
CA GLU C 237 4.24 -2.47 29.05
C GLU C 237 5.40 -2.07 28.11
N LYS C 238 6.36 -1.30 28.59
CA LYS C 238 7.53 -1.00 27.76
C LYS C 238 8.23 -2.28 27.32
N ASP C 239 8.39 -3.23 28.23
CA ASP C 239 9.13 -4.45 27.88
C ASP C 239 8.33 -5.16 26.77
N LYS C 240 7.01 -5.18 26.93
CA LYS C 240 6.12 -5.84 25.97
C LYS C 240 6.34 -5.32 24.55
N TRP C 241 6.39 -3.99 24.43
CA TRP C 241 6.51 -3.35 23.12
C TRP C 241 7.94 -3.46 22.60
N ARG C 242 8.92 -3.23 23.47
CA ARG C 242 10.32 -3.36 23.06
C ARG C 242 10.61 -4.70 22.46
N ARG C 243 10.13 -5.77 23.11
CA ARG C 243 10.38 -7.15 22.67
C ARG C 243 9.83 -7.46 21.28
N LYS C 244 8.89 -6.65 20.82
CA LYS C 244 8.27 -6.85 19.50
C LYS C 244 9.10 -6.28 18.35
N VAL C 245 10.02 -5.34 18.62
CA VAL C 245 10.78 -4.69 17.55
C VAL C 245 11.87 -5.66 17.05
N PRO C 246 11.81 -6.06 15.77
CA PRO C 246 12.85 -7.00 15.28
C PRO C 246 14.27 -6.51 15.43
N LEU C 247 14.54 -5.23 15.11
CA LEU C 247 15.91 -4.73 15.08
C LEU C 247 16.33 -4.19 16.43
N GLY C 248 16.90 -5.09 17.24
CA GLY C 248 17.44 -4.71 18.53
C GLY C 248 16.51 -4.77 19.74
N ARG C 249 15.23 -5.07 19.55
CA ARG C 249 14.27 -5.17 20.68
CA ARG C 249 14.30 -5.18 20.68
C ARG C 249 14.31 -3.90 21.54
N ARG C 250 14.31 -2.77 20.86
CA ARG C 250 14.31 -1.47 21.50
C ARG C 250 13.61 -0.44 20.59
N GLU C 251 13.15 0.63 21.23
CA GLU C 251 12.57 1.78 20.56
C GLU C 251 13.65 2.62 19.87
N ALA C 252 13.23 3.46 18.92
CA ALA C 252 14.14 4.41 18.30
C ALA C 252 14.50 5.53 19.27
N SER C 253 15.72 6.01 19.21
CA SER C 253 16.08 7.26 19.86
C SER C 253 15.54 8.42 19.04
N ALA C 254 15.33 9.55 19.71
CA ALA C 254 14.93 10.75 18.98
C ALA C 254 15.91 11.12 17.90
N GLU C 255 17.20 10.98 18.15
CA GLU C 255 18.19 11.28 17.14
C GLU C 255 18.04 10.40 15.87
N GLN C 256 17.69 9.13 16.03
CA GLN C 256 17.53 8.25 14.82
C GLN C 256 16.36 8.74 13.92
N ILE C 257 15.30 9.24 14.53
CA ILE C 257 14.18 9.84 13.75
C ILE C 257 14.68 11.11 13.09
N ALA C 258 15.33 11.96 13.86
CA ALA C 258 15.90 13.20 13.30
C ALA C 258 16.85 12.92 12.12
N ASP C 259 17.64 11.83 12.18
CA ASP C 259 18.55 11.48 11.06
C ASP C 259 17.82 11.36 9.71
N ALA C 260 16.60 10.79 9.73
CA ALA C 260 15.84 10.63 8.50
C ALA C 260 15.30 11.95 8.02
N VAL C 261 14.99 12.85 8.94
CA VAL C 261 14.55 14.18 8.57
C VAL C 261 15.66 14.93 7.87
N ILE C 262 16.86 14.91 8.47
CA ILE C 262 18.07 15.51 7.95
C ILE C 262 18.34 15.05 6.53
N PHE C 263 18.22 13.74 6.28
CA PHE C 263 18.43 13.21 4.96
C PHE C 263 17.47 13.84 3.96
N LEU C 264 16.20 13.80 4.29
CA LEU C 264 15.18 14.33 3.38
C LEU C 264 15.33 15.80 3.05
N VAL C 265 15.80 16.60 4.00
CA VAL C 265 16.04 18.04 3.70
C VAL C 265 17.34 18.29 2.95
N SER C 266 18.28 17.33 3.03
CA SER C 266 19.60 17.46 2.42
C SER C 266 19.62 17.47 0.90
N GLY C 267 20.78 17.82 0.35
CA GLY C 267 21.02 17.78 -1.09
C GLY C 267 21.14 16.35 -1.60
N SER C 268 21.27 15.40 -0.69
CA SER C 268 21.22 14.02 -1.10
C SER C 268 19.80 13.49 -1.39
N ALA C 269 18.77 14.29 -1.17
CA ALA C 269 17.39 13.87 -1.42
C ALA C 269 16.73 14.77 -2.45
N GLN C 270 17.53 15.39 -3.34
CA GLN C 270 16.93 16.36 -4.27
C GLN C 270 15.92 15.86 -5.30
N TYR C 271 15.86 14.56 -5.59
CA TYR C 271 14.88 14.01 -6.48
C TYR C 271 13.72 13.34 -5.73
N ILE C 272 13.79 13.36 -4.40
CA ILE C 272 12.83 12.67 -3.59
C ILE C 272 11.70 13.59 -3.17
N THR C 273 10.51 13.26 -3.63
CA THR C 273 9.30 13.97 -3.17
C THR C 273 8.15 13.00 -3.15
N GLY C 274 7.23 13.22 -2.22
CA GLY C 274 6.10 12.32 -1.98
C GLY C 274 6.44 10.95 -1.35
N SER C 275 7.62 10.83 -0.75
CA SER C 275 8.10 9.60 -0.19
C SER C 275 7.97 9.65 1.32
N ILE C 276 7.68 8.51 1.93
CA ILE C 276 7.53 8.41 3.37
C ILE C 276 8.49 7.34 3.84
N ILE C 277 9.47 7.71 4.67
CA ILE C 277 10.51 6.80 5.10
C ILE C 277 10.13 6.26 6.47
N LYS C 278 9.90 4.94 6.60
CA LYS C 278 9.67 4.32 7.92
C LYS C 278 10.99 4.26 8.66
N VAL C 279 10.94 4.56 9.97
CA VAL C 279 12.10 4.44 10.87
C VAL C 279 11.56 3.70 12.06
N ASP C 280 11.43 2.40 11.89
CA ASP C 280 10.64 1.55 12.81
C ASP C 280 11.25 0.23 13.26
N GLY C 281 12.51 -0.01 12.93
CA GLY C 281 13.16 -1.23 13.33
C GLY C 281 12.47 -2.49 12.87
N GLY C 282 11.65 -2.39 11.81
CA GLY C 282 10.88 -3.53 11.37
C GLY C 282 9.56 -3.80 12.06
N LEU C 283 9.19 -2.98 13.02
CA LEU C 283 7.95 -3.23 13.81
C LEU C 283 6.73 -3.42 12.96
N SER C 284 6.56 -2.60 11.89
CA SER C 284 5.33 -2.71 11.10
C SER C 284 5.22 -4.01 10.31
N LEU C 285 6.30 -4.75 10.20
CA LEU C 285 6.32 -6.00 9.44
C LEU C 285 5.87 -7.22 10.30
N VAL C 286 5.66 -6.99 11.60
CA VAL C 286 5.49 -8.12 12.57
C VAL C 286 4.00 -8.45 12.70
N HIS C 287 3.60 -9.65 12.33
CA HIS C 287 2.20 -10.00 12.39
C HIS C 287 1.73 -10.16 13.83
N ALA C 288 0.43 -10.23 14.03
CA ALA C 288 -0.13 -10.40 15.36
C ALA C 288 0.25 -11.74 15.99
N GLU D 22 40.36 -0.99 9.12
CA GLU D 22 40.06 -1.79 7.91
C GLU D 22 38.76 -1.26 7.29
N ALA D 23 38.78 -1.08 5.98
CA ALA D 23 37.63 -0.56 5.29
C ALA D 23 36.59 -1.67 5.06
N PRO D 24 35.31 -1.31 5.18
CA PRO D 24 34.24 -2.24 4.86
C PRO D 24 34.16 -2.57 3.35
N ALA D 25 33.46 -3.65 3.01
CA ALA D 25 33.37 -4.07 1.61
C ALA D 25 31.89 -4.26 1.21
N ALA D 26 31.62 -3.91 -0.04
CA ALA D 26 30.27 -3.97 -0.63
C ALA D 26 30.33 -4.81 -1.89
N VAL D 27 29.28 -5.60 -2.11
CA VAL D 27 28.99 -6.19 -3.37
C VAL D 27 27.88 -5.40 -4.04
N VAL D 28 28.13 -4.99 -5.27
CA VAL D 28 27.11 -4.36 -6.10
C VAL D 28 26.92 -5.20 -7.37
N THR D 29 25.72 -5.75 -7.56
CA THR D 29 25.46 -6.51 -8.77
C THR D 29 25.10 -5.61 -9.92
N GLY D 30 25.49 -6.01 -11.12
CA GLY D 30 25.21 -5.25 -12.36
C GLY D 30 25.85 -3.86 -12.30
N ALA D 31 27.10 -3.84 -11.85
CA ALA D 31 27.78 -2.60 -11.47
C ALA D 31 28.73 -2.07 -12.53
N ALA D 32 28.77 -2.70 -13.70
CA ALA D 32 29.75 -2.27 -14.78
C ALA D 32 29.42 -0.93 -15.40
N LYS D 33 28.12 -0.63 -15.45
CA LYS D 33 27.65 0.59 -16.06
C LYS D 33 26.36 1.12 -15.48
N ARG D 34 25.94 2.30 -15.99
CA ARG D 34 24.70 2.94 -15.58
C ARG D 34 24.55 3.09 -14.02
N ILE D 35 23.39 2.71 -13.48
CA ILE D 35 23.06 2.98 -12.10
C ILE D 35 23.92 2.16 -11.16
N GLY D 36 24.16 0.88 -11.47
CA GLY D 36 25.07 0.10 -10.64
C GLY D 36 26.48 0.62 -10.52
N ARG D 37 26.99 1.14 -11.65
CA ARG D 37 28.32 1.76 -11.68
C ARG D 37 28.37 2.98 -10.75
N ALA D 38 27.32 3.79 -10.82
CA ALA D 38 27.23 5.01 -10.02
C ALA D 38 27.17 4.64 -8.53
N ILE D 39 26.42 3.60 -8.19
CA ILE D 39 26.40 3.11 -6.82
C ILE D 39 27.79 2.62 -6.33
N ALA D 40 28.46 1.82 -7.14
CA ALA D 40 29.81 1.39 -6.81
C ALA D 40 30.78 2.55 -6.60
N VAL D 41 30.72 3.52 -7.51
CA VAL D 41 31.55 4.74 -7.47
C VAL D 41 31.33 5.47 -6.19
N LYS D 42 30.04 5.68 -5.84
CA LYS D 42 29.72 6.35 -4.61
C LYS D 42 30.11 5.58 -3.34
N LEU D 43 29.92 4.27 -3.31
CA LEU D 43 30.34 3.49 -2.15
C LEU D 43 31.88 3.56 -2.01
N HIS D 44 32.55 3.51 -3.14
CA HIS D 44 34.02 3.57 -3.15
C HIS D 44 34.47 4.95 -2.64
N GLN D 45 33.76 6.00 -3.03
CA GLN D 45 34.10 7.38 -2.59
C GLN D 45 33.88 7.55 -1.11
N THR D 46 32.92 6.80 -0.60
CA THR D 46 32.59 6.81 0.81
C THR D 46 33.59 6.04 1.65
N GLY D 47 34.42 5.23 1.02
CA GLY D 47 35.46 4.50 1.73
C GLY D 47 35.34 2.97 1.68
N TYR D 48 34.37 2.47 0.89
CA TYR D 48 34.23 1.03 0.73
C TYR D 48 35.16 0.47 -0.31
N ARG D 49 35.56 -0.77 -0.05
CA ARG D 49 36.12 -1.66 -1.08
C ARG D 49 34.96 -2.35 -1.77
N VAL D 50 35.07 -2.59 -3.08
CA VAL D 50 33.91 -3.01 -3.85
C VAL D 50 34.16 -4.21 -4.76
N VAL D 51 33.17 -5.11 -4.78
CA VAL D 51 33.06 -6.13 -5.83
C VAL D 51 32.09 -5.60 -6.89
N ILE D 52 32.60 -5.42 -8.10
CA ILE D 52 31.82 -5.03 -9.25
C ILE D 52 31.39 -6.29 -9.98
N HIS D 53 30.14 -6.71 -9.76
CA HIS D 53 29.66 -7.89 -10.43
C HIS D 53 29.17 -7.44 -11.81
N TYR D 54 29.29 -8.30 -12.80
CA TYR D 54 28.84 -8.00 -14.13
C TYR D 54 28.48 -9.33 -14.78
N HIS D 55 27.77 -9.25 -15.91
CA HIS D 55 27.38 -10.45 -16.65
C HIS D 55 28.04 -10.39 -18.03
N ASN D 56 27.58 -9.49 -18.90
CA ASN D 56 28.18 -9.30 -20.25
C ASN D 56 29.15 -8.13 -20.41
N SER D 57 29.07 -7.11 -19.56
CA SER D 57 29.88 -5.89 -19.78
C SER D 57 31.28 -5.98 -19.17
N ALA D 58 32.05 -6.95 -19.65
CA ALA D 58 33.38 -7.21 -19.09
C ALA D 58 34.32 -6.02 -19.22
N GLU D 59 34.31 -5.36 -20.38
CA GLU D 59 35.24 -4.29 -20.66
C GLU D 59 34.95 -3.11 -19.74
N ALA D 60 33.67 -2.78 -19.58
CA ALA D 60 33.30 -1.72 -18.68
C ALA D 60 33.63 -2.04 -17.22
N ALA D 61 33.37 -3.27 -16.82
CA ALA D 61 33.68 -3.67 -15.45
C ALA D 61 35.17 -3.59 -15.10
N VAL D 62 36.01 -4.17 -15.96
CA VAL D 62 37.47 -4.12 -15.76
C VAL D 62 37.96 -2.67 -15.78
N SER D 63 37.43 -1.85 -16.69
CA SER D 63 37.85 -0.45 -16.75
C SER D 63 37.50 0.28 -15.45
N LEU D 64 36.30 0.03 -14.91
CA LEU D 64 35.92 0.59 -13.61
C LEU D 64 36.81 0.12 -12.45
N ALA D 65 37.04 -1.19 -12.35
CA ALA D 65 37.93 -1.73 -11.31
C ALA D 65 39.29 -1.04 -11.37
N ASP D 66 39.81 -0.89 -12.59
CA ASP D 66 41.13 -0.25 -12.78
CA ASP D 66 41.13 -0.26 -12.78
C ASP D 66 41.12 1.17 -12.24
N GLU D 67 40.11 1.93 -12.61
CA GLU D 67 39.98 3.31 -12.18
C GLU D 67 39.88 3.46 -10.67
N LEU D 68 39.12 2.57 -10.01
CA LEU D 68 38.96 2.64 -8.58
C LEU D 68 40.22 2.24 -7.83
N ASN D 69 40.94 1.25 -8.33
CA ASN D 69 42.24 0.86 -7.74
C ASN D 69 43.36 1.88 -7.99
N LYS D 70 43.30 2.58 -9.13
CA LYS D 70 44.19 3.70 -9.38
C LYS D 70 43.98 4.80 -8.36
N GLU D 71 42.72 5.04 -7.97
CA GLU D 71 42.39 5.96 -6.87
C GLU D 71 42.85 5.43 -5.50
N ARG D 72 42.56 4.19 -5.16
CA ARG D 72 43.08 3.54 -3.91
C ARG D 72 43.46 2.10 -4.20
N SER D 73 44.72 1.72 -3.98
CA SER D 73 45.19 0.40 -4.36
CA SER D 73 45.16 0.39 -4.40
C SER D 73 44.44 -0.71 -3.65
N ASN D 74 44.11 -1.77 -4.37
CA ASN D 74 43.53 -2.99 -3.80
C ASN D 74 42.13 -2.75 -3.17
N THR D 75 41.33 -1.95 -3.83
CA THR D 75 40.02 -1.62 -3.28
C THR D 75 38.84 -2.01 -4.20
N ALA D 76 39.12 -2.61 -5.36
CA ALA D 76 38.06 -3.07 -6.26
C ALA D 76 38.47 -4.36 -6.96
N VAL D 77 37.52 -5.28 -7.10
CA VAL D 77 37.67 -6.43 -8.00
C VAL D 77 36.39 -6.60 -8.81
N VAL D 78 36.48 -7.29 -9.97
CA VAL D 78 35.32 -7.72 -10.71
C VAL D 78 34.98 -9.17 -10.36
N CYS D 79 33.72 -9.51 -10.62
CA CYS D 79 33.18 -10.88 -10.46
C CYS D 79 32.10 -11.14 -11.48
N GLN D 80 32.31 -12.13 -12.32
CA GLN D 80 31.39 -12.39 -13.40
C GLN D 80 30.40 -13.48 -12.98
N ALA D 81 29.10 -13.22 -13.25
CA ALA D 81 28.09 -14.24 -13.05
C ALA D 81 26.82 -13.92 -13.83
N ASP D 82 26.25 -14.95 -14.41
CA ASP D 82 24.91 -14.91 -14.93
C ASP D 82 23.94 -15.14 -13.75
N LEU D 83 22.92 -14.29 -13.64
CA LEU D 83 21.97 -14.36 -12.51
C LEU D 83 20.59 -14.81 -12.98
N THR D 84 20.54 -15.37 -14.17
CA THR D 84 19.36 -16.11 -14.69
C THR D 84 19.06 -17.28 -13.79
N ASN D 85 17.78 -17.55 -13.56
CA ASN D 85 17.44 -18.68 -12.68
C ASN D 85 17.85 -19.98 -13.31
N SER D 86 18.32 -20.92 -12.48
CA SER D 86 18.65 -22.25 -12.91
C SER D 86 19.02 -23.01 -11.66
N ASN D 87 19.33 -24.28 -11.84
CA ASN D 87 19.67 -25.09 -10.70
C ASN D 87 21.03 -24.76 -10.10
N VAL D 88 21.88 -24.04 -10.85
CA VAL D 88 23.19 -23.65 -10.32
CA VAL D 88 23.22 -23.64 -10.39
C VAL D 88 23.24 -22.21 -9.79
N LEU D 89 22.14 -21.48 -9.89
CA LEU D 89 22.11 -20.12 -9.43
C LEU D 89 22.50 -20.00 -7.95
N PRO D 90 22.08 -20.94 -7.11
CA PRO D 90 22.50 -20.79 -5.71
C PRO D 90 24.00 -20.83 -5.53
N ALA D 91 24.65 -21.74 -6.22
CA ALA D 91 26.14 -21.76 -6.23
C ALA D 91 26.75 -20.47 -6.82
N SER D 92 26.17 -19.90 -7.88
CA SER D 92 26.69 -18.69 -8.44
C SER D 92 26.59 -17.53 -7.44
N CYS D 93 25.46 -17.43 -6.74
CA CYS D 93 25.28 -16.42 -5.72
C CYS D 93 26.22 -16.61 -4.52
N GLU D 94 26.33 -17.85 -4.06
CA GLU D 94 27.30 -18.13 -2.99
C GLU D 94 28.72 -17.69 -3.42
N GLU D 95 29.04 -17.89 -4.69
CA GLU D 95 30.40 -17.56 -5.19
C GLU D 95 30.64 -16.05 -5.25
N ILE D 96 29.62 -15.30 -5.62
CA ILE D 96 29.71 -13.82 -5.57
C ILE D 96 30.04 -13.36 -4.15
N ILE D 97 29.28 -13.82 -3.16
CA ILE D 97 29.56 -13.45 -1.75
C ILE D 97 30.96 -13.94 -1.39
N ASN D 98 31.27 -15.20 -1.74
CA ASN D 98 32.62 -15.75 -1.54
C ASN D 98 33.74 -14.88 -2.12
N SER D 99 33.51 -14.28 -3.29
CA SER D 99 34.51 -13.44 -3.98
C SER D 99 34.81 -12.16 -3.21
N CYS D 100 33.83 -11.64 -2.49
CA CYS D 100 34.02 -10.48 -1.62
C CYS D 100 34.87 -10.84 -0.39
N PHE D 101 34.62 -12.00 0.22
CA PHE D 101 35.47 -12.46 1.32
C PHE D 101 36.90 -12.78 0.88
N ARG D 102 37.02 -13.38 -0.30
CA ARG D 102 38.32 -13.76 -0.85
C ARG D 102 39.17 -12.50 -1.05
N ALA D 103 38.59 -11.45 -1.62
CA ALA D 103 39.33 -10.26 -1.90
C ALA D 103 39.55 -9.39 -0.69
N PHE D 104 38.54 -9.26 0.17
CA PHE D 104 38.61 -8.24 1.21
C PHE D 104 38.50 -8.79 2.63
N GLY D 105 38.28 -10.08 2.80
CA GLY D 105 38.12 -10.63 4.17
C GLY D 105 36.83 -10.37 4.94
N ARG D 106 35.85 -9.74 4.30
CA ARG D 106 34.61 -9.40 4.97
C ARG D 106 33.63 -9.01 3.90
N CYS D 107 32.34 -8.92 4.26
CA CYS D 107 31.31 -8.45 3.30
C CYS D 107 30.21 -7.75 4.10
N ASP D 108 30.19 -6.43 4.05
CA ASP D 108 29.33 -5.61 4.94
C ASP D 108 28.02 -5.17 4.29
N VAL D 109 28.07 -4.94 2.98
CA VAL D 109 26.95 -4.40 2.21
C VAL D 109 26.73 -5.26 0.96
N LEU D 110 25.45 -5.57 0.69
CA LEU D 110 25.04 -6.17 -0.59
C LEU D 110 24.05 -5.25 -1.26
N VAL D 111 24.27 -4.90 -2.55
CA VAL D 111 23.32 -4.06 -3.27
C VAL D 111 22.85 -4.89 -4.50
N ASN D 112 21.56 -5.27 -4.49
CA ASN D 112 20.99 -6.08 -5.53
C ASN D 112 20.40 -5.17 -6.59
N ASN D 113 21.23 -4.88 -7.57
CA ASN D 113 20.93 -3.92 -8.63
C ASN D 113 20.70 -4.60 -9.98
N ALA D 114 21.40 -5.70 -10.23
CA ALA D 114 21.30 -6.39 -11.53
C ALA D 114 19.83 -6.75 -11.85
N SER D 115 19.43 -6.54 -13.11
CA SER D 115 18.01 -6.64 -13.48
C SER D 115 17.83 -6.75 -14.98
N ALA D 116 17.14 -7.79 -15.43
CA ALA D 116 16.65 -7.89 -16.79
C ALA D 116 15.33 -7.14 -16.92
N PHE D 117 15.09 -6.57 -18.10
CA PHE D 117 13.95 -5.69 -18.29
C PHE D 117 13.56 -5.70 -19.76
N TYR D 118 12.42 -6.30 -20.06
CA TYR D 118 11.92 -6.32 -21.44
C TYR D 118 10.48 -6.80 -21.38
N PRO D 119 9.67 -6.48 -22.39
CA PRO D 119 8.29 -6.90 -22.37
C PRO D 119 8.12 -8.40 -22.61
N THR D 120 7.09 -8.95 -21.99
CA THR D 120 6.66 -10.34 -22.13
C THR D 120 5.16 -10.38 -22.26
N PRO D 121 4.64 -10.08 -23.46
CA PRO D 121 3.17 -9.95 -23.61
C PRO D 121 2.42 -11.24 -23.31
N LEU D 122 1.24 -11.11 -22.72
CA LEU D 122 0.41 -12.27 -22.39
C LEU D 122 -0.22 -12.94 -23.64
N VAL D 123 -0.42 -12.18 -24.69
CA VAL D 123 -1.12 -12.63 -25.91
C VAL D 123 -0.22 -12.46 -27.10
N GLY D 133 13.50 -13.95 -30.05
CA GLY D 133 13.86 -15.35 -30.16
C GLY D 133 13.53 -16.14 -28.89
N LYS D 134 13.52 -15.45 -27.74
CA LYS D 134 13.45 -16.13 -26.42
C LYS D 134 12.22 -16.95 -26.13
N THR D 135 12.45 -18.17 -25.66
CA THR D 135 11.34 -18.98 -25.16
C THR D 135 10.74 -18.32 -23.90
N VAL D 136 9.51 -18.70 -23.56
CA VAL D 136 8.92 -18.22 -22.32
CA VAL D 136 8.91 -18.25 -22.31
C VAL D 136 9.70 -18.77 -21.10
N GLU D 137 10.15 -20.03 -21.15
CA GLU D 137 10.99 -20.59 -20.05
C GLU D 137 12.17 -19.66 -19.78
N THR D 138 12.82 -19.21 -20.86
CA THR D 138 13.95 -18.29 -20.78
C THR D 138 13.57 -16.91 -20.23
N GLN D 139 12.46 -16.35 -20.71
CA GLN D 139 11.90 -15.11 -20.16
C GLN D 139 11.65 -15.18 -18.65
N VAL D 140 11.00 -16.26 -18.21
CA VAL D 140 10.75 -16.49 -16.80
C VAL D 140 12.10 -16.53 -16.03
N ALA D 141 13.02 -17.35 -16.51
CA ALA D 141 14.31 -17.54 -15.86
C ALA D 141 15.09 -16.20 -15.68
N GLU D 142 15.16 -15.38 -16.73
CA GLU D 142 15.92 -14.12 -16.72
C GLU D 142 15.25 -13.04 -15.89
N LEU D 143 13.96 -12.81 -16.15
CA LEU D 143 13.24 -11.74 -15.48
C LEU D 143 12.99 -12.04 -13.98
N ILE D 144 12.59 -13.27 -13.65
CA ILE D 144 12.34 -13.66 -12.25
C ILE D 144 13.67 -13.96 -11.52
N GLY D 145 14.62 -14.57 -12.23
CA GLY D 145 15.96 -14.82 -11.66
C GLY D 145 16.67 -13.56 -11.25
N THR D 146 16.81 -12.63 -12.18
CA THR D 146 17.61 -11.44 -11.92
C THR D 146 16.95 -10.53 -10.90
N ASN D 147 15.64 -10.34 -11.02
CA ASN D 147 14.96 -9.36 -10.19
C ASN D 147 14.55 -9.87 -8.82
N ALA D 148 14.49 -11.20 -8.66
CA ALA D 148 13.98 -11.77 -7.41
C ALA D 148 14.72 -12.95 -6.84
N ILE D 149 14.96 -14.00 -7.63
CA ILE D 149 15.52 -15.21 -7.05
CA ILE D 149 15.54 -15.23 -7.06
C ILE D 149 17.01 -15.02 -6.67
N ALA D 150 17.78 -14.38 -7.54
CA ALA D 150 19.20 -14.07 -7.24
C ALA D 150 19.34 -13.18 -6.02
N PRO D 151 18.54 -12.12 -5.92
CA PRO D 151 18.57 -11.35 -4.66
C PRO D 151 18.29 -12.20 -3.42
N PHE D 152 17.37 -13.16 -3.54
CA PHE D 152 17.07 -14.01 -2.40
C PHE D 152 18.27 -14.89 -2.02
N LEU D 153 18.88 -15.50 -3.04
CA LEU D 153 20.06 -16.40 -2.87
C LEU D 153 21.29 -15.69 -2.41
N LEU D 154 21.50 -14.49 -2.95
CA LEU D 154 22.56 -13.60 -2.49
C LEU D 154 22.36 -13.17 -1.06
N THR D 155 21.12 -12.89 -0.70
CA THR D 155 20.79 -12.56 0.65
C THR D 155 21.07 -13.74 1.58
N MET D 156 20.67 -14.95 1.19
CA MET D 156 20.99 -16.15 1.99
C MET D 156 22.48 -16.31 2.20
N SER D 157 23.23 -16.23 1.11
CA SER D 157 24.70 -16.40 1.16
C SER D 157 25.36 -15.30 2.01
N PHE D 158 24.86 -14.07 1.91
CA PHE D 158 25.38 -12.96 2.67
C PHE D 158 25.21 -13.21 4.18
N ALA D 159 24.01 -13.65 4.55
CA ALA D 159 23.65 -13.88 5.94
C ALA D 159 24.42 -15.06 6.48
N GLN D 160 24.46 -16.13 5.70
CA GLN D 160 25.15 -17.34 6.11
C GLN D 160 26.63 -17.07 6.35
N ARG D 161 27.27 -16.25 5.52
CA ARG D 161 28.70 -16.00 5.67
C ARG D 161 29.07 -15.10 6.80
N GLN D 162 28.12 -14.43 7.45
CA GLN D 162 28.49 -13.55 8.56
C GLN D 162 28.89 -14.34 9.84
N SER D 172 30.72 -2.69 12.76
CA SER D 172 29.88 -3.54 11.91
C SER D 172 28.47 -2.89 11.68
N ASN D 173 28.20 -2.47 10.46
CA ASN D 173 26.91 -1.95 10.09
C ASN D 173 26.54 -2.69 8.78
N LEU D 174 25.95 -3.88 8.97
CA LEU D 174 25.66 -4.83 7.92
C LEU D 174 24.29 -4.49 7.33
N SER D 175 24.20 -4.36 6.01
CA SER D 175 22.91 -4.11 5.40
C SER D 175 22.87 -4.49 3.93
N ILE D 176 21.63 -4.61 3.43
CA ILE D 176 21.33 -4.99 2.08
C ILE D 176 20.44 -3.91 1.50
N VAL D 177 20.66 -3.55 0.24
CA VAL D 177 19.74 -2.60 -0.40
C VAL D 177 19.30 -3.18 -1.73
N ASN D 178 17.99 -3.34 -1.92
CA ASN D 178 17.44 -3.91 -3.13
C ASN D 178 16.90 -2.78 -4.01
N LEU D 179 17.21 -2.84 -5.28
CA LEU D 179 16.74 -1.82 -6.23
C LEU D 179 15.38 -2.31 -6.74
N CYS D 180 14.34 -1.60 -6.31
CA CYS D 180 12.95 -1.90 -6.60
C CYS D 180 12.50 -0.97 -7.78
N ASP D 181 11.27 -0.52 -7.77
CA ASP D 181 10.70 0.26 -8.88
C ASP D 181 9.54 1.02 -8.35
N ALA D 182 9.59 2.35 -8.42
CA ALA D 182 8.54 3.15 -7.88
C ALA D 182 7.21 2.98 -8.63
N MET D 183 7.25 2.45 -9.84
CA MET D 183 6.05 2.30 -10.67
C MET D 183 5.43 0.91 -10.63
N VAL D 184 5.75 0.15 -9.61
CA VAL D 184 5.36 -1.25 -9.56
C VAL D 184 3.82 -1.44 -9.48
N ASP D 185 3.10 -0.42 -9.00
CA ASP D 185 1.64 -0.52 -8.98
C ASP D 185 0.92 0.18 -10.12
N GLN D 186 1.66 0.77 -11.06
CA GLN D 186 1.11 1.33 -12.28
C GLN D 186 2.07 0.90 -13.38
N PRO D 187 2.13 -0.39 -13.65
CA PRO D 187 3.20 -0.94 -14.43
C PRO D 187 3.09 -0.66 -15.95
N CYS D 188 4.20 -0.73 -16.64
CA CYS D 188 4.18 -0.63 -18.10
C CYS D 188 3.42 -1.78 -18.70
N MET D 189 2.74 -1.48 -19.80
CA MET D 189 1.94 -2.46 -20.52
C MET D 189 2.84 -3.56 -21.05
N ALA D 190 2.38 -4.79 -20.92
CA ALA D 190 3.10 -5.97 -21.42
C ALA D 190 4.42 -6.35 -20.70
N PHE D 191 4.64 -5.81 -19.49
CA PHE D 191 5.81 -6.12 -18.69
C PHE D 191 5.46 -7.01 -17.47
N SER D 192 4.60 -8.03 -17.62
CA SER D 192 4.09 -8.76 -16.44
C SER D 192 5.20 -9.49 -15.65
N LEU D 193 6.12 -10.15 -16.32
CA LEU D 193 7.10 -10.93 -15.63
C LEU D 193 8.11 -10.04 -14.91
N TYR D 194 8.55 -8.97 -15.58
CA TYR D 194 9.38 -7.96 -14.95
C TYR D 194 8.67 -7.46 -13.70
N ASN D 195 7.40 -7.08 -13.84
N ASN D 195 7.40 -7.09 -13.82
CA ASN D 195 6.64 -6.58 -12.71
CA ASN D 195 6.67 -6.63 -12.66
C ASN D 195 6.46 -7.61 -11.57
C ASN D 195 6.53 -7.64 -11.55
N MET D 196 6.19 -8.88 -11.90
CA MET D 196 6.12 -9.95 -10.90
C MET D 196 7.47 -10.04 -10.14
N GLY D 197 8.57 -9.87 -10.87
CA GLY D 197 9.92 -9.89 -10.28
C GLY D 197 10.16 -8.83 -9.24
N LYS D 198 9.83 -7.60 -9.61
CA LYS D 198 9.99 -6.48 -8.71
C LYS D 198 9.00 -6.53 -7.55
N HIS D 199 7.79 -7.00 -7.77
CA HIS D 199 6.89 -7.28 -6.61
C HIS D 199 7.48 -8.28 -5.68
N ALA D 200 7.99 -9.36 -6.23
CA ALA D 200 8.67 -10.39 -5.41
C ALA D 200 9.84 -9.81 -4.58
N LEU D 201 10.54 -8.87 -5.17
CA LEU D 201 11.69 -8.23 -4.54
C LEU D 201 11.28 -7.36 -3.33
N VAL D 202 10.10 -6.71 -3.46
CA VAL D 202 9.51 -6.02 -2.34
C VAL D 202 9.25 -7.02 -1.22
N GLY D 203 8.67 -8.17 -1.58
CA GLY D 203 8.39 -9.20 -0.55
C GLY D 203 9.64 -9.73 0.09
N LEU D 204 10.68 -9.95 -0.69
CA LEU D 204 11.97 -10.31 -0.14
C LEU D 204 12.52 -9.24 0.81
N THR D 205 12.43 -7.96 0.41
CA THR D 205 12.91 -6.90 1.29
C THR D 205 12.26 -6.99 2.69
N GLN D 206 10.95 -7.17 2.74
CA GLN D 206 10.19 -7.27 4.02
C GLN D 206 10.48 -8.54 4.79
N SER D 207 10.42 -9.67 4.10
CA SER D 207 10.69 -10.98 4.74
C SER D 207 12.10 -11.04 5.30
N ALA D 208 13.08 -10.61 4.48
CA ALA D 208 14.43 -10.63 4.96
C ALA D 208 14.73 -9.60 6.07
N ALA D 209 14.14 -8.41 5.99
CA ALA D 209 14.30 -7.41 7.06
C ALA D 209 13.81 -8.05 8.35
N LEU D 210 12.65 -8.73 8.30
CA LEU D 210 12.07 -9.34 9.50
C LEU D 210 12.96 -10.41 10.06
N GLU D 211 13.49 -11.28 9.18
CA GLU D 211 14.19 -12.49 9.59
C GLU D 211 15.66 -12.27 9.99
N LEU D 212 16.31 -11.31 9.35
CA LEU D 212 17.74 -11.03 9.56
C LEU D 212 17.98 -9.92 10.63
N ALA D 213 16.91 -9.27 11.05
CA ALA D 213 17.01 -8.22 12.06
C ALA D 213 17.72 -8.71 13.36
N PRO D 214 17.45 -9.96 13.80
CA PRO D 214 18.12 -10.41 15.02
C PRO D 214 19.62 -10.62 14.82
N TYR D 215 20.08 -10.68 13.58
CA TYR D 215 21.49 -10.80 13.26
C TYR D 215 22.11 -9.44 13.01
N GLY D 216 21.39 -8.36 13.25
CA GLY D 216 21.93 -7.01 13.04
C GLY D 216 22.05 -6.65 11.55
N ILE D 217 21.36 -7.37 10.69
CA ILE D 217 21.46 -7.11 9.26
C ILE D 217 20.19 -6.39 8.82
N ARG D 218 20.35 -5.17 8.32
CA ARG D 218 19.20 -4.41 7.84
C ARG D 218 18.97 -4.67 6.37
N VAL D 219 17.70 -4.64 5.97
CA VAL D 219 17.32 -4.84 4.59
C VAL D 219 16.34 -3.81 4.10
N ASN D 220 16.74 -3.04 3.10
CA ASN D 220 15.94 -1.94 2.63
C ASN D 220 15.95 -1.90 1.11
N GLY D 221 15.14 -1.00 0.57
CA GLY D 221 14.98 -0.84 -0.88
C GLY D 221 15.10 0.61 -1.31
N VAL D 222 15.51 0.82 -2.56
CA VAL D 222 15.47 2.12 -3.21
C VAL D 222 14.65 1.89 -4.48
N ALA D 223 13.57 2.65 -4.66
CA ALA D 223 12.65 2.48 -5.79
C ALA D 223 12.76 3.69 -6.75
N PRO D 224 13.52 3.54 -7.81
CA PRO D 224 13.61 4.61 -8.78
C PRO D 224 12.34 4.77 -9.61
N GLY D 225 12.10 5.97 -10.07
CA GLY D 225 11.14 6.19 -11.15
C GLY D 225 12.00 6.12 -12.41
N VAL D 226 11.72 6.99 -13.37
CA VAL D 226 12.50 7.02 -14.59
CA VAL D 226 12.51 7.07 -14.58
C VAL D 226 13.87 7.66 -14.27
N SER D 227 14.92 6.91 -14.62
CA SER D 227 16.29 7.21 -14.25
CA SER D 227 16.27 7.29 -14.30
C SER D 227 17.21 7.01 -15.46
N LEU D 228 18.19 7.86 -15.61
CA LEU D 228 19.27 7.71 -16.60
C LEU D 228 18.79 7.10 -17.90
N LEU D 229 18.02 7.87 -18.67
CA LEU D 229 17.49 7.38 -19.93
C LEU D 229 18.66 7.07 -20.89
N PRO D 230 18.58 5.92 -21.59
CA PRO D 230 19.58 5.50 -22.59
C PRO D 230 19.91 6.67 -23.55
N VAL D 231 21.18 7.02 -23.68
CA VAL D 231 21.60 8.08 -24.63
C VAL D 231 21.04 7.77 -26.02
N ALA D 232 21.05 6.49 -26.38
CA ALA D 232 20.59 6.04 -27.71
C ALA D 232 19.06 6.03 -27.93
N MET D 233 18.30 6.24 -26.87
CA MET D 233 16.83 6.24 -26.98
C MET D 233 16.35 7.52 -27.68
N GLY D 234 15.24 7.43 -28.42
CA GLY D 234 14.75 8.54 -29.26
C GLY D 234 14.48 9.80 -28.45
N GLU D 235 14.86 10.98 -28.97
CA GLU D 235 14.75 12.22 -28.17
C GLU D 235 13.28 12.55 -27.93
N GLU D 236 12.42 12.27 -28.91
CA GLU D 236 11.02 12.58 -28.76
C GLU D 236 10.42 11.79 -27.59
N GLU D 237 10.76 10.51 -27.52
CA GLU D 237 10.31 9.61 -26.46
C GLU D 237 10.86 9.99 -25.10
N LYS D 238 12.14 10.32 -25.04
CA LYS D 238 12.72 10.79 -23.79
C LYS D 238 11.97 12.01 -23.31
N ASP D 239 11.70 12.97 -24.20
CA ASP D 239 11.01 14.18 -23.79
C ASP D 239 9.60 13.87 -23.32
N LYS D 240 8.97 12.87 -23.92
CA LYS D 240 7.63 12.46 -23.57
C LYS D 240 7.59 12.01 -22.11
N TRP D 241 8.57 11.22 -21.70
CA TRP D 241 8.61 10.71 -20.31
C TRP D 241 9.11 11.74 -19.31
N ARG D 242 10.09 12.54 -19.73
CA ARG D 242 10.59 13.63 -18.88
C ARG D 242 9.50 14.59 -18.49
N ARG D 243 8.62 14.96 -19.41
CA ARG D 243 7.63 15.97 -19.12
C ARG D 243 6.57 15.47 -18.16
N LYS D 244 6.56 14.17 -17.88
CA LYS D 244 5.56 13.59 -16.93
C LYS D 244 6.01 13.78 -15.46
N VAL D 245 7.29 14.14 -15.23
CA VAL D 245 7.86 14.11 -13.87
C VAL D 245 7.59 15.46 -13.21
N PRO D 246 6.81 15.45 -12.11
CA PRO D 246 6.48 16.71 -11.47
C PRO D 246 7.65 17.53 -11.03
N LEU D 247 8.67 16.87 -10.49
CA LEU D 247 9.81 17.56 -9.92
C LEU D 247 10.91 17.71 -10.95
N GLY D 248 10.90 18.88 -11.59
CA GLY D 248 11.90 19.26 -12.58
C GLY D 248 11.68 18.76 -14.00
N ARG D 249 10.63 17.98 -14.28
CA ARG D 249 10.42 17.44 -15.64
C ARG D 249 11.67 16.82 -16.23
N ARG D 250 12.36 16.03 -15.41
CA ARG D 250 13.58 15.36 -15.80
C ARG D 250 13.63 13.99 -15.09
N GLU D 251 14.39 13.05 -15.66
CA GLU D 251 14.61 11.75 -15.04
C GLU D 251 15.60 11.88 -13.90
N ALA D 252 15.69 10.87 -13.07
CA ALA D 252 16.73 10.87 -12.06
C ALA D 252 18.09 10.69 -12.74
N SER D 253 19.11 11.31 -12.17
CA SER D 253 20.51 10.92 -12.46
C SER D 253 20.84 9.65 -11.74
N ALA D 254 21.86 8.96 -12.22
CA ALA D 254 22.30 7.75 -11.52
C ALA D 254 22.86 8.10 -10.17
N GLU D 255 23.38 9.32 -10.03
CA GLU D 255 23.99 9.75 -8.78
C GLU D 255 22.91 9.98 -7.70
N GLN D 256 21.75 10.49 -8.13
CA GLN D 256 20.62 10.67 -7.23
C GLN D 256 20.13 9.34 -6.67
N ILE D 257 20.02 8.34 -7.53
CA ILE D 257 19.68 6.99 -7.00
C ILE D 257 20.75 6.50 -6.00
N ALA D 258 22.01 6.63 -6.38
CA ALA D 258 23.05 6.19 -5.50
C ALA D 258 23.02 6.87 -4.12
N ASP D 259 22.67 8.16 -4.08
CA ASP D 259 22.65 8.93 -2.85
C ASP D 259 21.73 8.26 -1.83
N ALA D 260 20.57 7.81 -2.28
CA ALA D 260 19.67 7.06 -1.41
C ALA D 260 20.24 5.72 -0.92
N VAL D 261 20.95 5.00 -1.78
CA VAL D 261 21.69 3.77 -1.36
C VAL D 261 22.71 4.09 -0.26
N ILE D 262 23.46 5.17 -0.46
CA ILE D 262 24.42 5.64 0.49
C ILE D 262 23.80 5.97 1.87
N PHE D 263 22.66 6.65 1.87
CA PHE D 263 21.95 6.88 3.10
C PHE D 263 21.58 5.60 3.80
N LEU D 264 20.99 4.66 3.07
CA LEU D 264 20.53 3.44 3.72
C LEU D 264 21.64 2.58 4.30
N VAL D 265 22.85 2.65 3.74
CA VAL D 265 23.93 1.84 4.31
C VAL D 265 24.68 2.59 5.42
N SER D 266 24.42 3.89 5.56
CA SER D 266 25.15 4.74 6.49
C SER D 266 24.71 4.53 7.93
N GLY D 267 25.53 5.08 8.84
CA GLY D 267 25.23 5.05 10.26
C GLY D 267 24.05 5.92 10.63
N SER D 268 23.58 6.73 9.70
CA SER D 268 22.37 7.53 9.90
C SER D 268 21.05 6.80 9.65
N ALA D 269 21.13 5.51 9.33
CA ALA D 269 19.94 4.70 9.01
C ALA D 269 19.93 3.43 9.85
N GLN D 270 20.60 3.46 11.01
CA GLN D 270 20.74 2.24 11.81
C GLN D 270 19.48 1.65 12.45
N TYR D 271 18.37 2.38 12.48
CA TYR D 271 17.08 1.86 12.89
C TYR D 271 16.13 1.61 11.72
N ILE D 272 16.59 1.78 10.50
CA ILE D 272 15.76 1.61 9.32
C ILE D 272 15.95 0.25 8.76
N THR D 273 14.90 -0.57 8.82
CA THR D 273 14.91 -1.83 8.09
C THR D 273 13.51 -2.12 7.56
N GLY D 274 13.45 -2.79 6.43
CA GLY D 274 12.22 -3.07 5.74
C GLY D 274 11.59 -1.87 5.04
N SER D 275 12.34 -0.78 4.89
CA SER D 275 11.82 0.41 4.25
C SER D 275 12.26 0.46 2.82
N ILE D 276 11.40 1.02 1.97
CA ILE D 276 11.72 1.25 0.55
C ILE D 276 11.54 2.72 0.24
N ILE D 277 12.63 3.39 -0.16
CA ILE D 277 12.58 4.82 -0.42
C ILE D 277 12.40 5.05 -1.91
N LYS D 278 11.27 5.62 -2.34
CA LYS D 278 11.05 6.04 -3.76
C LYS D 278 11.95 7.23 -4.08
N VAL D 279 12.60 7.18 -5.22
CA VAL D 279 13.44 8.25 -5.67
C VAL D 279 12.89 8.51 -7.10
N ASP D 280 11.74 9.18 -7.18
CA ASP D 280 10.98 9.26 -8.43
C ASP D 280 10.47 10.63 -8.90
N GLY D 281 10.85 11.69 -8.19
CA GLY D 281 10.42 13.07 -8.53
C GLY D 281 8.92 13.27 -8.56
N GLY D 282 8.22 12.39 -7.83
CA GLY D 282 6.76 12.40 -7.78
C GLY D 282 6.03 11.67 -8.88
N LEU D 283 6.75 11.03 -9.79
CA LEU D 283 6.14 10.38 -10.95
C LEU D 283 5.00 9.41 -10.55
N SER D 284 5.18 8.63 -9.47
CA SER D 284 4.20 7.63 -9.06
C SER D 284 2.91 8.28 -8.59
N LEU D 285 2.94 9.59 -8.30
CA LEU D 285 1.74 10.29 -7.81
C LEU D 285 0.83 10.81 -8.93
N VAL D 286 1.25 10.67 -10.19
CA VAL D 286 0.57 11.35 -11.33
C VAL D 286 -0.50 10.39 -11.87
N HIS D 287 -1.77 10.73 -11.79
CA HIS D 287 -2.81 9.93 -12.46
C HIS D 287 -2.71 9.95 -14.00
N ALA D 288 -3.33 8.94 -14.60
CA ALA D 288 -3.45 8.81 -16.04
C ALA D 288 -4.08 10.03 -16.71
PA NAP E . -21.69 13.73 -5.17
O1A NAP E . -22.73 13.77 -6.23
O2A NAP E . -20.50 14.60 -5.39
O5B NAP E . -22.28 14.07 -3.71
C5B NAP E . -23.04 13.12 -3.00
C4B NAP E . -23.91 13.83 -1.97
O4B NAP E . -23.13 14.34 -0.90
C3B NAP E . -24.68 15.05 -2.47
O3B NAP E . -25.91 14.60 -2.99
C2B NAP E . -24.89 15.88 -1.22
O2B NAP E . -26.25 15.96 -0.74
C1B NAP E . -23.95 15.20 -0.17
N9A NAP E . -23.22 16.31 0.42
C8A NAP E . -22.36 17.18 -0.19
N7A NAP E . -21.98 18.13 0.72
C5A NAP E . -22.66 17.87 1.85
C6A NAP E . -22.78 18.44 3.19
N6A NAP E . -22.09 19.54 3.50
N1A NAP E . -23.59 17.85 4.08
C2A NAP E . -24.27 16.73 3.79
N3A NAP E . -24.26 16.15 2.60
C4A NAP E . -23.48 16.67 1.62
O3 NAP E . -21.23 12.20 -4.96
PN NAP E . -21.10 11.06 -6.12
O1N NAP E . -22.47 10.46 -6.20
O2N NAP E . -20.46 11.54 -7.35
O5D NAP E . -20.17 10.00 -5.34
C5D NAP E . -20.63 9.29 -4.17
C4D NAP E . -19.46 8.80 -3.33
O4D NAP E . -18.53 8.09 -4.14
C3D NAP E . -18.69 9.95 -2.68
O3D NAP E . -18.40 9.58 -1.33
C2D NAP E . -17.49 10.09 -3.55
O2D NAP E . -16.43 10.78 -2.90
C1D NAP E . -17.22 8.66 -4.07
N1N NAP E . -16.52 8.74 -5.36
C2N NAP E . -17.15 9.18 -6.44
C3N NAP E . -16.48 9.33 -7.66
C7N NAP E . -17.13 9.81 -8.92
O7N NAP E . -16.54 9.69 -9.98
N7N NAP E . -18.35 10.40 -8.90
C4N NAP E . -15.12 9.04 -7.68
C5N NAP E . -14.48 8.61 -6.53
C6N NAP E . -15.20 8.47 -5.38
P2B NAP E . -27.35 17.02 -1.35
O1X NAP E . -26.98 18.40 -0.87
O2X NAP E . -28.53 16.45 -0.68
O3X NAP E . -27.29 16.92 -2.83
CAL XP0 F . -19.06 15.02 -8.34
CAJ XP0 F . -18.98 15.82 -9.64
CAK XP0 F . -18.36 14.87 -10.60
CAM XP0 F . -17.31 14.16 -9.73
NAW XP0 F . -17.73 14.26 -8.34
C6 XP0 F . -17.17 13.72 -7.20
C5 XP0 F . -15.98 13.05 -7.10
N1 XP0 F . -17.90 13.85 -6.05
C2 XP0 F . -17.49 13.40 -4.86
NAA XP0 F . -18.22 13.61 -3.79
N3 XP0 F . -16.31 12.75 -4.74
C4 XP0 F . -15.60 12.56 -5.87
NAP XP0 F . -14.43 11.94 -5.98
CAI XP0 F . -14.04 12.01 -7.26
CAS XP0 F . -14.99 12.63 -7.96
CAC XP0 F . -14.69 12.80 -9.37
CAB XP0 F . -14.45 12.94 -10.44
CAQ XP0 F . -14.13 13.09 -11.83
CAG XP0 F . -15.00 13.67 -12.71
CAE XP0 F . -14.64 13.85 -14.05
CAD XP0 F . -13.39 13.45 -14.53
CAF XP0 F . -12.50 12.90 -13.61
CAH XP0 F . -12.87 12.74 -12.28
PA NAP G . -3.29 -25.80 0.47
O1A NAP G . -4.15 -26.78 1.21
O2A NAP G . -1.96 -25.46 1.10
O5B NAP G . -2.98 -26.27 -1.00
C5B NAP G . -3.87 -26.09 -2.06
C4B NAP G . -3.56 -27.11 -3.13
O4B NAP G . -2.40 -26.68 -3.87
C3B NAP G . -3.22 -28.54 -2.67
O3B NAP G . -4.39 -29.34 -2.52
C2B NAP G . -2.32 -29.05 -3.79
O2B NAP G . -2.85 -30.09 -4.59
C1B NAP G . -2.04 -27.77 -4.63
N9A NAP G . -0.60 -27.80 -4.87
C8A NAP G . 0.35 -27.79 -3.90
N7A NAP G . 1.56 -27.94 -4.42
C5A NAP G . 1.35 -28.15 -5.74
C6A NAP G . 2.21 -28.42 -6.88
N6A NAP G . 3.55 -28.52 -6.70
N1A NAP G . 1.64 -28.53 -8.09
C2A NAP G . 0.31 -28.44 -8.28
N3A NAP G . -0.57 -28.22 -7.30
C4A NAP G . -0.07 -28.08 -6.04
O3 NAP G . -4.21 -24.47 0.25
PN NAP G . -5.40 -23.86 1.12
O1N NAP G . -6.70 -24.46 0.71
O2N NAP G . -5.00 -23.70 2.56
O5D NAP G . -5.40 -22.37 0.49
C5D NAP G . -5.92 -22.10 -0.81
C4D NAP G . -5.33 -20.78 -1.37
O4D NAP G . -5.55 -19.76 -0.42
C3D NAP G . -3.82 -20.86 -1.58
O3D NAP G . -3.48 -20.19 -2.84
C2D NAP G . -3.27 -20.17 -0.36
O2D NAP G . -1.96 -19.65 -0.51
C1D NAP G . -4.35 -19.15 -0.03
N1N NAP G . -4.29 -18.79 1.37
C2N NAP G . -4.64 -19.69 2.32
C3N NAP G . -4.55 -19.37 3.67
C7N NAP G . -5.02 -20.34 4.72
O7N NAP G . -5.16 -19.86 5.86
N7N NAP G . -5.28 -21.62 4.45
C4N NAP G . -4.09 -18.11 4.06
C5N NAP G . -3.69 -17.21 3.07
C6N NAP G . -3.82 -17.56 1.74
P2B NAP G . -2.87 -31.69 -4.20
O1X NAP G . -1.44 -32.19 -4.25
O2X NAP G . -3.76 -32.31 -5.26
O3X NAP G . -3.44 -31.76 -2.82
CAL XP0 H . -2.13 -25.00 4.23
CAJ XP0 H . -2.10 -25.69 5.56
CAK XP0 H . -2.62 -24.68 6.59
CAM XP0 H . -2.23 -23.33 6.02
NAW XP0 H . -1.87 -23.53 4.63
C6 XP0 H . -1.55 -22.62 3.70
C5 XP0 H . -1.35 -21.27 3.89
N1 XP0 H . -1.45 -23.14 2.44
C2 XP0 H . -1.14 -22.37 1.38
NAA XP0 H . -1.04 -22.90 0.16
N3 XP0 H . -0.95 -21.06 1.57
C4 XP0 H . -1.09 -20.52 2.76
NAP XP0 H . -0.91 -19.25 3.12
CAI XP0 H . -1.04 -19.15 4.46
CAS XP0 H . -1.34 -20.36 4.90
CAC XP0 H . -1.54 -20.51 6.33
CAB XP0 H . -1.67 -20.60 7.25
CAQ XP0 H . -1.86 -20.72 8.65
CAG XP0 H . -2.42 -21.85 9.23
CAE XP0 H . -2.54 -21.93 10.63
CAD XP0 H . -2.07 -20.88 11.43
CAF XP0 H . -1.48 -19.77 10.84
CAH XP0 H . -1.34 -19.70 9.45
PA NAP I . 4.66 14.07 21.53
O1A NAP I . 5.76 14.14 22.51
O2A NAP I . 3.40 13.27 21.71
O5B NAP I . 4.10 15.54 21.16
C5B NAP I . 4.96 16.46 20.52
C4B NAP I . 4.50 17.87 20.73
O4B NAP I . 3.27 18.10 20.07
C3B NAP I . 4.18 18.21 22.19
O3B NAP I . 5.38 18.44 22.90
C2B NAP I . 3.29 19.42 22.04
O2B NAP I . 3.98 20.65 22.35
C1B NAP I . 2.81 19.31 20.55
N9A NAP I . 1.36 19.44 20.63
C8A NAP I . 0.51 18.58 21.18
N7A NAP I . -0.76 19.07 21.11
C5A NAP I . -0.65 20.31 20.56
C6A NAP I . -1.54 21.41 20.21
N6A NAP I . -2.85 21.35 20.46
N1A NAP I . -1.01 22.49 19.58
C2A NAP I . 0.29 22.58 19.31
N3A NAP I . 1.16 21.62 19.61
C4A NAP I . 0.74 20.51 20.22
O3 NAP I . 5.36 13.54 20.16
PN NAP I . 6.64 12.61 19.96
O1N NAP I . 7.86 13.44 20.09
O2N NAP I . 6.42 11.28 20.74
O5D NAP I . 6.52 12.18 18.42
C5D NAP I . 6.96 13.13 17.42
C4D NAP I . 6.20 12.93 16.12
O4D NAP I . 6.43 11.59 15.68
C3D NAP I . 4.67 13.09 16.21
O3D NAP I . 4.13 13.66 14.99
C2D NAP I . 4.17 11.68 16.41
O2D NAP I . 2.78 11.52 16.08
C1D NAP I . 5.18 10.89 15.58
N1N NAP I . 5.28 9.53 16.06
C2N NAP I . 5.78 9.27 17.27
C3N NAP I . 5.83 7.97 17.76
C7N NAP I . 6.46 7.61 19.06
O7N NAP I . 6.69 6.41 19.29
N7N NAP I . 6.78 8.59 19.88
C4N NAP I . 5.40 6.94 16.95
C5N NAP I . 4.82 7.22 15.73
C6N NAP I . 4.82 8.52 15.28
P2B NAP I . 4.07 21.17 23.92
O1X NAP I . 4.90 22.43 23.77
O2X NAP I . 4.93 20.14 24.56
O3X NAP I . 2.72 21.36 24.53
CAL XP0 J . 3.73 10.33 23.16
CAJ XP0 J . 3.88 9.46 24.41
CAK XP0 J . 4.71 8.25 23.96
CAM XP0 J . 4.04 7.93 22.58
NAW XP0 J . 3.53 9.27 22.06
C6 XP0 J . 3.08 9.53 20.81
C5 XP0 J . 2.80 8.63 19.81
N1 XP0 J . 2.86 10.83 20.60
C2 XP0 J . 2.41 11.30 19.41
NAA XP0 J . 2.22 12.59 19.22
N3 XP0 J . 2.15 10.46 18.42
C4 XP0 J . 2.35 9.14 18.60
NAP XP0 J . 2.16 8.16 17.72
CAI XP0 J . 2.42 7.01 18.30
CAS XP0 J . 2.86 7.29 19.56
CAC XP0 J . 3.17 6.18 20.31
CAB XP0 J . 3.41 5.28 20.91
CAQ XP0 J . 3.70 4.17 21.62
CAG XP0 J . 4.24 4.13 22.87
CAE XP0 J . 4.43 2.90 23.49
CAD XP0 J . 4.03 1.72 22.88
CAF XP0 J . 3.44 1.77 21.63
CAH XP0 J . 3.25 3.00 21.04
PA NAP K . 19.99 -1.92 -16.59
O1A NAP K . 20.97 -1.05 -17.30
O2A NAP K . 18.73 -2.38 -17.20
O5B NAP K . 20.71 -3.25 -16.06
C5B NAP K . 21.60 -3.30 -14.95
C4B NAP K . 22.50 -4.50 -15.10
O4B NAP K . 21.83 -5.72 -14.83
C3B NAP K . 23.07 -4.71 -16.50
O3B NAP K . 24.22 -3.90 -16.60
C2B NAP K . 23.41 -6.20 -16.56
O2B NAP K . 24.80 -6.60 -16.53
C1B NAP K . 22.68 -6.73 -15.29
N9A NAP K . 22.01 -7.94 -15.76
C8A NAP K . 20.99 -8.00 -16.63
N7A NAP K . 20.71 -9.31 -16.87
C5A NAP K . 21.56 -10.05 -16.15
C6A NAP K . 21.75 -11.50 -15.96
N6A NAP K . 21.01 -12.43 -16.60
N1A NAP K . 22.71 -11.86 -15.11
C2A NAP K . 23.47 -10.93 -14.48
N3A NAP K . 23.37 -9.60 -14.58
C4A NAP K . 22.39 -9.14 -15.41
O3 NAP K . 19.61 -1.23 -15.19
PN NAP K . 19.48 0.29 -14.77
O1N NAP K . 20.87 0.68 -14.47
O2N NAP K . 18.57 1.02 -15.69
O5D NAP K . 18.69 0.14 -13.35
C5D NAP K . 19.36 -0.30 -12.19
C4D NAP K . 18.34 -0.84 -11.20
O4D NAP K . 17.35 0.19 -10.97
C3D NAP K . 17.60 -2.05 -11.73
O3D NAP K . 17.40 -3.00 -10.65
C2D NAP K . 16.31 -1.47 -12.24
O2D NAP K . 15.25 -2.42 -12.20
C1D NAP K . 16.07 -0.28 -11.31
N1N NAP K . 15.20 0.68 -11.96
C2N NAP K . 15.65 1.44 -13.01
C3N NAP K . 14.82 2.30 -13.65
C7N NAP K . 15.29 3.17 -14.82
O7N NAP K . 14.57 4.06 -15.17
N7N NAP K . 16.47 2.95 -15.37
C4N NAP K . 13.51 2.40 -13.21
C5N NAP K . 13.05 1.61 -12.15
C6N NAP K . 13.92 0.77 -11.54
P2B NAP K . 25.82 -6.56 -17.80
O1X NAP K . 25.37 -7.69 -18.69
O2X NAP K . 27.16 -6.79 -17.16
O3X NAP K . 25.69 -5.16 -18.38
CAL XP0 L . 17.16 0.02 -18.82
CAJ XP0 L . 17.22 1.03 -20.01
CAK XP0 L . 15.85 1.64 -20.14
CAM XP0 L . 15.19 1.50 -18.79
NAW XP0 L . 15.79 0.28 -18.18
C6 XP0 L . 15.37 -0.40 -17.11
C5 XP0 L . 14.21 -0.16 -16.39
N1 XP0 L . 16.21 -1.40 -16.68
C2 XP0 L . 15.90 -2.20 -15.64
NAA XP0 L . 16.70 -3.19 -15.29
N3 XP0 L . 14.77 -1.96 -14.94
C4 XP0 L . 13.96 -0.97 -15.29
NAP XP0 L . 12.79 -0.62 -14.72
CAI XP0 L . 12.30 0.41 -15.41
CAS XP0 L . 13.15 0.70 -16.41
CAC XP0 L . 12.72 1.75 -17.28
CAB XP0 L . 12.36 2.57 -17.92
CAQ XP0 L . 11.91 3.64 -18.76
CAG XP0 L . 12.52 3.87 -19.96
CAE XP0 L . 12.08 4.87 -20.81
CAD XP0 L . 10.99 5.66 -20.48
CAF XP0 L . 10.34 5.39 -19.29
CAH XP0 L . 10.77 4.37 -18.45
C1 GOL M . 22.03 11.34 -16.38
O1 GOL M . 23.15 12.07 -15.88
C2 GOL M . 20.74 12.14 -16.51
O2 GOL M . 20.22 12.58 -15.26
C3 GOL M . 19.63 11.30 -17.15
O3 GOL M . 19.94 10.78 -18.47
#